data_9GAV
#
_entry.id   9GAV
#
_cell.length_a   1.00
_cell.length_b   1.00
_cell.length_c   1.00
_cell.angle_alpha   90.00
_cell.angle_beta   90.00
_cell.angle_gamma   90.00
#
_symmetry.space_group_name_H-M   'P 1'
#
loop_
_entity.id
_entity.type
_entity.pdbx_description
1 polymer Nucleoprotein
2 polymer "RNA (5'-P(UC)9-FAM3')"
3 non-polymer '2-[3,6-bis(oxidanylidene)-4,5-dihydroxanthen-9-yl]-4-[3-[(2R)-2-oxidanylpropoxy]propylcarbamoyl]benzoic acid'
#
loop_
_entity_poly.entity_id
_entity_poly.type
_entity_poly.pdbx_seq_one_letter_code
_entity_poly.pdbx_strand_id
1 'polypeptide(L)'
;HMTDGERQNATEIRASVGKMIDGIGRFYIQMCTELKLSDYEGRLIQNSLTIERMVLSAFDERRNKYLEEHPSAGKDPKKT
GGPIYRRVDGKWRRELILYDKEEIRRIWRQANNGDDATAGLTHMMIWHSNLNDATYQRTRALVRTGMDPRMCSLMQGSTL
PRRSGAAGAAVKGVGTMVMELIRMIKRGINDRNFWRGENGRRTRIAYERMCNILKGKFQTAAQRTMVDQVRESRNPGNAE
FEDLIFLARSALILRGSVAHKSCLPACVYGSAVASGYDFEREGYSLVGIDPFRLLQNSQVYSLIRPNENPAHKSQLVWMA
CHSAAFEDLRVSSFIRGTKVVPRGKLSTRGVQIASNENMETMESSTLELRSRYWAIRTRSGGNTNQQRASSGQISIQPTF
SVQRNLPFDRPTIMAAFTGNTEGRTSDMRTEIIRLMESARPEDVSFQGRGVFELSDEKATSPIVPSFDMSNEGSYFFGDN
AEEYDNLEHHHHHH
;
G,B,A
2 'polyribonucleotide' UCUCUCUCUCUCUCUCUC D,E,F
#
loop_
_chem_comp.id
_chem_comp.type
_chem_comp.name
_chem_comp.formula
A1IJK non-polymer '2-[3,6-bis(oxidanylidene)-4,5-dihydroxanthen-9-yl]-4-[3-[(2R)-2-oxidanylpropoxy]propylcarbamoyl]benzoic acid' 'C27 H27 N O8'
C RNA linking CYTIDINE-5'-MONOPHOSPHATE 'C9 H14 N3 O8 P'
U RNA linking URIDINE-5'-MONOPHOSPHATE 'C9 H13 N2 O9 P'
#
# COMPACT_ATOMS: atom_id res chain seq x y z
N GLY A 392 10.90 17.67 28.43
CA GLY A 392 10.16 16.42 28.33
C GLY A 392 9.48 16.23 26.99
N GLN A 393 8.64 15.22 26.90
CA GLN A 393 7.90 14.94 25.68
C GLN A 393 6.63 15.78 25.62
N ILE A 394 6.37 16.37 24.45
CA ILE A 394 5.26 17.28 24.29
C ILE A 394 4.44 16.91 23.06
N SER A 395 4.70 15.74 22.51
CA SER A 395 4.01 15.32 21.30
C SER A 395 3.90 13.80 21.28
N ILE A 396 3.49 13.25 20.14
CA ILE A 396 3.30 11.82 19.97
C ILE A 396 3.57 11.47 18.51
N GLN A 397 4.01 10.23 18.31
CA GLN A 397 4.23 9.69 16.97
C GLN A 397 3.55 8.33 16.91
N PRO A 398 2.40 8.21 16.27
CA PRO A 398 1.68 6.93 16.27
C PRO A 398 2.49 5.83 15.62
N THR A 399 2.37 4.63 16.18
CA THR A 399 2.94 3.44 15.58
C THR A 399 1.89 2.45 15.12
N PHE A 400 0.78 2.34 15.84
CA PHE A 400 -0.30 1.43 15.53
C PHE A 400 -1.44 2.16 14.83
N SER A 401 -2.16 1.43 13.99
CA SER A 401 -3.35 1.97 13.31
C SER A 401 -4.56 1.75 14.21
N VAL A 402 -4.85 2.76 15.03
CA VAL A 402 -6.03 2.76 15.89
C VAL A 402 -6.70 4.12 15.81
N GLN A 403 -7.97 4.17 16.20
CA GLN A 403 -8.80 5.36 16.10
C GLN A 403 -8.48 6.43 17.15
N ARG A 404 -7.40 6.29 17.92
CA ARG A 404 -7.10 7.26 18.97
C ARG A 404 -6.93 8.65 18.38
N ASN A 405 -6.83 9.65 19.26
CA ASN A 405 -6.50 11.01 18.88
C ASN A 405 -5.06 11.29 19.26
N LEU A 406 -4.28 11.83 18.33
CA LEU A 406 -2.87 12.08 18.59
C LEU A 406 -2.71 13.33 19.44
N PRO A 407 -2.38 13.18 20.72
CA PRO A 407 -2.27 14.35 21.59
C PRO A 407 -0.96 15.11 21.36
N PHE A 408 -1.00 16.39 21.70
CA PHE A 408 0.20 17.21 21.75
C PHE A 408 -0.04 18.35 22.73
N ASP A 409 1.06 18.88 23.27
CA ASP A 409 0.99 20.02 24.18
C ASP A 409 0.91 21.29 23.34
N ARG A 410 -0.31 21.64 22.95
CA ARG A 410 -0.53 22.78 22.07
C ARG A 410 0.05 24.09 22.62
N PRO A 411 -0.24 24.50 23.85
CA PRO A 411 0.29 25.80 24.32
C PRO A 411 1.81 25.88 24.29
N THR A 412 2.51 24.78 24.57
CA THR A 412 3.96 24.83 24.61
C THR A 412 4.57 24.85 23.21
N ILE A 413 3.96 24.15 22.26
CA ILE A 413 4.50 24.12 20.90
C ILE A 413 4.37 25.49 20.25
N MET A 414 3.23 26.16 20.44
CA MET A 414 3.00 27.47 19.86
C MET A 414 3.62 28.60 20.66
N ALA A 415 4.06 28.33 21.90
CA ALA A 415 4.69 29.37 22.69
C ALA A 415 5.97 29.88 22.04
N ALA A 416 6.76 28.97 21.47
CA ALA A 416 8.04 29.34 20.87
C ALA A 416 7.88 29.69 19.40
N PHE A 417 6.95 30.58 19.10
CA PHE A 417 6.70 31.02 17.73
C PHE A 417 6.59 32.54 17.67
N THR E 3 -5.56 -3.93 -6.77
CA THR E 3 -5.47 -5.20 -6.05
C THR E 3 -5.71 -6.34 -7.02
N ASP E 4 -5.57 -7.58 -6.53
CA ASP E 4 -5.72 -8.77 -7.36
C ASP E 4 -4.50 -8.92 -8.24
N GLY E 5 -3.63 -7.91 -8.24
CA GLY E 5 -2.34 -7.98 -8.89
C GLY E 5 -1.24 -7.70 -7.89
N GLU E 6 -1.59 -6.98 -6.83
CA GLU E 6 -0.69 -6.72 -5.72
C GLU E 6 -0.72 -7.83 -4.68
N ARG E 7 -1.64 -8.79 -4.81
CA ARG E 7 -1.55 -10.00 -4.00
C ARG E 7 -0.27 -10.77 -4.30
N GLN E 8 0.04 -10.95 -5.59
CA GLN E 8 1.31 -11.57 -5.95
C GLN E 8 2.48 -10.80 -5.37
N ASN E 9 2.49 -9.48 -5.53
CA ASN E 9 3.59 -8.68 -5.02
C ASN E 9 3.66 -8.78 -3.50
N ALA E 10 2.50 -8.79 -2.83
CA ALA E 10 2.49 -8.97 -1.38
C ALA E 10 3.05 -10.33 -1.00
N THR E 11 2.69 -11.38 -1.75
CA THR E 11 3.25 -12.70 -1.48
C THR E 11 4.75 -12.74 -1.71
N GLU E 12 5.22 -12.07 -2.76
CA GLU E 12 6.66 -12.01 -3.02
C GLU E 12 7.40 -11.38 -1.85
N ILE E 13 6.90 -10.25 -1.34
CA ILE E 13 7.57 -9.55 -0.25
C ILE E 13 7.60 -10.42 1.00
N ARG E 14 6.49 -11.11 1.28
CA ARG E 14 6.44 -11.96 2.47
C ARG E 14 7.51 -13.03 2.43
N ALA E 15 7.71 -13.66 1.26
CA ALA E 15 8.74 -14.68 1.15
C ALA E 15 10.13 -14.09 1.35
N SER E 16 10.39 -12.92 0.79
CA SER E 16 11.72 -12.32 0.90
C SER E 16 12.05 -11.96 2.34
N VAL E 17 11.09 -11.40 3.07
CA VAL E 17 11.32 -11.11 4.48
C VAL E 17 11.43 -12.40 5.28
N GLY E 18 10.63 -13.41 4.95
CA GLY E 18 10.75 -14.68 5.63
C GLY E 18 12.10 -15.33 5.42
N LYS E 19 12.68 -15.16 4.22
CA LYS E 19 14.02 -15.67 3.97
C LYS E 19 15.06 -14.94 4.81
N MET E 20 14.89 -13.64 5.01
CA MET E 20 15.78 -12.90 5.90
C MET E 20 15.64 -13.39 7.34
N ILE E 21 14.41 -13.59 7.80
CA ILE E 21 14.20 -14.07 9.16
C ILE E 21 14.80 -15.46 9.35
N ASP E 22 14.70 -16.29 8.30
CA ASP E 22 15.28 -17.64 8.37
C ASP E 22 16.79 -17.57 8.52
N GLY E 23 17.45 -16.67 7.79
CA GLY E 23 18.89 -16.54 7.92
C GLY E 23 19.32 -16.15 9.32
N ILE E 24 18.60 -15.19 9.92
CA ILE E 24 18.92 -14.76 11.28
C ILE E 24 18.78 -15.92 12.25
N GLY E 25 17.69 -16.68 12.13
CA GLY E 25 17.51 -17.83 13.00
C GLY E 25 18.53 -18.92 12.74
N ARG E 26 18.79 -19.22 11.46
CA ARG E 26 19.77 -20.24 11.14
C ARG E 26 21.16 -19.83 11.61
N PHE E 27 21.50 -18.54 11.47
CA PHE E 27 22.79 -18.06 11.95
C PHE E 27 22.88 -18.14 13.46
N TYR E 28 21.81 -17.76 14.16
CA TYR E 28 21.83 -17.79 15.62
C TYR E 28 21.99 -19.22 16.13
N ILE E 29 21.31 -20.17 15.50
CA ILE E 29 21.43 -21.58 15.90
C ILE E 29 22.87 -22.05 15.72
N GLN E 30 23.47 -21.71 14.58
CA GLN E 30 24.85 -22.09 14.32
C GLN E 30 25.80 -21.50 15.36
N MET E 31 25.62 -20.21 15.69
CA MET E 31 26.50 -19.56 16.64
C MET E 31 26.31 -20.12 18.03
N CYS E 32 25.07 -20.46 18.40
CA CYS E 32 24.81 -21.03 19.72
C CYS E 32 25.52 -22.36 19.89
N THR E 33 25.47 -23.21 18.88
CA THR E 33 26.17 -24.49 18.94
C THR E 33 27.68 -24.35 18.86
N GLU E 34 28.18 -23.22 18.33
CA GLU E 34 29.61 -23.01 18.22
C GLU E 34 30.19 -22.34 19.47
N LEU E 35 29.40 -21.52 20.15
CA LEU E 35 29.78 -20.95 21.42
C LEU E 35 29.45 -21.86 22.60
N LYS E 36 28.80 -22.99 22.35
CA LYS E 36 28.46 -23.97 23.38
C LYS E 36 27.55 -23.35 24.45
N LEU E 37 26.36 -22.95 24.01
CA LEU E 37 25.37 -22.34 24.89
C LEU E 37 24.18 -23.28 25.03
N SER E 38 23.71 -23.46 26.26
CA SER E 38 22.57 -24.32 26.53
C SER E 38 21.28 -23.63 26.12
N ASP E 39 20.14 -24.29 26.34
CA ASP E 39 18.87 -23.71 25.93
C ASP E 39 18.57 -22.44 26.70
N TYR E 40 18.80 -22.44 28.01
CA TYR E 40 18.55 -21.24 28.80
C TYR E 40 19.45 -20.08 28.35
N GLU E 41 20.74 -20.35 28.18
CA GLU E 41 21.65 -19.28 27.77
C GLU E 41 21.41 -18.86 26.33
N GLY E 42 20.97 -19.80 25.48
CA GLY E 42 20.64 -19.44 24.12
C GLY E 42 19.45 -18.49 24.03
N ARG E 43 18.54 -18.59 24.99
CA ARG E 43 17.35 -17.74 25.02
C ARG E 43 17.56 -16.46 25.82
N LEU E 44 18.76 -16.24 26.35
CA LEU E 44 19.04 -15.01 27.07
C LEU E 44 19.16 -13.84 26.09
N ILE E 45 18.47 -12.74 26.41
CA ILE E 45 18.49 -11.58 25.52
C ILE E 45 19.88 -10.96 25.49
N GLN E 46 20.60 -10.99 26.62
CA GLN E 46 21.95 -10.44 26.66
C GLN E 46 22.89 -11.20 25.72
N ASN E 47 22.79 -12.54 25.71
CA ASN E 47 23.62 -13.32 24.81
C ASN E 47 23.29 -13.04 23.35
N SER E 48 22.01 -12.90 23.03
CA SER E 48 21.62 -12.58 21.67
C SER E 48 22.16 -11.22 21.24
N LEU E 49 22.14 -10.25 22.16
CA LEU E 49 22.68 -8.93 21.85
C LEU E 49 24.16 -9.02 21.48
N THR E 50 24.94 -9.78 22.23
CA THR E 50 26.36 -9.93 21.93
C THR E 50 26.57 -10.57 20.58
N ILE E 51 25.81 -11.61 20.26
CA ILE E 51 25.97 -12.29 18.98
C ILE E 51 25.61 -11.35 17.83
N GLU E 52 24.53 -10.59 17.99
CA GLU E 52 24.12 -9.67 16.94
C GLU E 52 25.17 -8.58 16.72
N ARG E 53 25.71 -8.03 17.81
CA ARG E 53 26.73 -6.99 17.67
C ARG E 53 28.00 -7.52 17.04
N MET E 54 28.36 -8.77 17.33
CA MET E 54 29.53 -9.38 16.70
C MET E 54 29.36 -9.43 15.18
N VAL E 55 28.16 -9.77 14.72
CA VAL E 55 27.90 -9.83 13.28
C VAL E 55 28.03 -8.44 12.66
N LEU E 56 27.42 -7.44 13.31
CA LEU E 56 27.42 -6.09 12.74
C LEU E 56 28.83 -5.54 12.64
N SER E 57 29.66 -5.76 13.66
CA SER E 57 31.04 -5.32 13.60
C SER E 57 31.85 -6.09 12.57
N ALA E 58 31.56 -7.37 12.37
CA ALA E 58 32.30 -8.15 11.38
C ALA E 58 32.05 -7.66 9.96
N PHE E 59 30.88 -7.08 9.71
CA PHE E 59 30.53 -6.58 8.38
C PHE E 59 30.70 -5.07 8.26
N ASP E 60 31.32 -4.43 9.24
CA ASP E 60 31.60 -2.99 9.17
C ASP E 60 32.89 -2.80 8.40
N GLU E 61 32.76 -2.70 7.07
CA GLU E 61 33.95 -2.60 6.23
C GLU E 61 34.75 -1.34 6.52
N ARG E 62 34.07 -0.19 6.65
CA ARG E 62 34.79 1.07 6.83
C ARG E 62 35.51 1.10 8.18
N ARG E 63 34.80 0.79 9.26
CA ARG E 63 35.43 0.83 10.58
C ARG E 63 36.57 -0.16 10.67
N ASN E 64 36.38 -1.37 10.13
CA ASN E 64 37.43 -2.38 10.18
C ASN E 64 38.67 -1.88 9.44
N LYS E 65 38.50 -1.23 8.30
CA LYS E 65 39.63 -0.67 7.58
C LYS E 65 40.36 0.37 8.42
N TYR E 66 39.60 1.26 9.08
CA TYR E 66 40.23 2.27 9.92
C TYR E 66 40.99 1.61 11.07
N LEU E 67 40.41 0.57 11.67
CA LEU E 67 41.09 -0.12 12.76
C LEU E 67 42.39 -0.74 12.28
N GLU E 68 42.40 -1.34 11.09
CA GLU E 68 43.63 -1.91 10.55
C GLU E 68 44.71 -0.85 10.40
N GLU E 69 44.36 0.29 9.80
CA GLU E 69 45.32 1.36 9.60
C GLU E 69 45.79 1.95 10.91
N HIS E 70 44.87 2.18 11.85
CA HIS E 70 45.18 2.79 13.14
C HIS E 70 44.68 1.85 14.22
N PRO E 71 45.41 0.78 14.50
CA PRO E 71 44.94 -0.19 15.49
C PRO E 71 44.83 0.43 16.87
N SER E 72 43.85 -0.06 17.62
CA SER E 72 43.66 0.37 19.00
C SER E 72 44.70 -0.32 19.88
N ALA E 73 44.70 0.01 21.17
CA ALA E 73 45.73 -0.45 22.09
C ALA E 73 45.30 -1.79 22.69
N GLY E 74 46.01 -2.85 22.34
CA GLY E 74 45.72 -4.17 22.85
C GLY E 74 44.58 -4.89 22.17
N LYS E 75 43.98 -4.29 21.14
CA LYS E 75 42.85 -4.87 20.43
C LYS E 75 43.22 -4.97 18.96
N ASP E 76 43.43 -6.18 18.47
CA ASP E 76 43.72 -6.33 17.05
C ASP E 76 42.44 -6.11 16.24
N PRO E 77 42.52 -5.43 15.11
CA PRO E 77 41.33 -5.09 14.33
C PRO E 77 40.75 -6.25 13.52
N LYS E 78 41.17 -7.48 13.78
CA LYS E 78 40.65 -8.64 13.07
C LYS E 78 39.76 -9.51 13.93
N LYS E 79 39.60 -9.20 15.21
CA LYS E 79 38.82 -10.01 16.14
C LYS E 79 37.73 -9.16 16.77
N THR E 80 36.55 -9.74 16.91
CA THR E 80 35.42 -9.12 17.60
C THR E 80 34.90 -10.08 18.65
N GLY E 81 33.94 -9.59 19.44
CA GLY E 81 33.37 -10.40 20.50
C GLY E 81 32.50 -9.56 21.41
N GLY E 82 32.24 -10.10 22.59
CA GLY E 82 31.41 -9.45 23.56
C GLY E 82 31.16 -10.31 24.78
N PRO E 83 30.37 -9.81 25.72
CA PRO E 83 30.08 -10.57 26.94
C PRO E 83 29.13 -11.72 26.65
N ILE E 84 29.58 -12.94 26.95
CA ILE E 84 28.75 -14.13 26.88
C ILE E 84 28.51 -14.60 28.31
N TYR E 85 27.25 -14.75 28.69
CA TYR E 85 26.86 -15.08 30.05
C TYR E 85 26.46 -16.55 30.11
N ARG E 86 27.11 -17.30 31.00
CA ARG E 86 26.84 -18.71 31.19
C ARG E 86 26.44 -18.97 32.64
N ARG E 87 25.49 -19.88 32.83
CA ARG E 87 25.01 -20.24 34.15
C ARG E 87 25.63 -21.56 34.57
N VAL E 88 26.52 -21.52 35.56
CA VAL E 88 27.17 -22.71 36.09
C VAL E 88 26.83 -22.80 37.58
N ASP E 89 26.33 -23.96 38.00
CA ASP E 89 26.00 -24.22 39.40
C ASP E 89 24.94 -23.26 39.93
N GLY E 90 24.14 -22.70 39.03
CA GLY E 90 23.07 -21.81 39.42
C GLY E 90 23.42 -20.34 39.42
N LYS E 91 24.71 -20.03 39.47
CA LYS E 91 25.15 -18.64 39.44
C LYS E 91 25.57 -18.24 38.03
N TRP E 92 25.48 -16.94 37.76
CA TRP E 92 25.77 -16.40 36.44
C TRP E 92 27.16 -15.79 36.40
N ARG E 93 27.86 -16.03 35.30
CA ARG E 93 29.20 -15.50 35.11
C ARG E 93 29.34 -15.00 33.67
N ARG E 94 30.19 -13.99 33.50
CA ARG E 94 30.41 -13.35 32.22
C ARG E 94 31.86 -13.56 31.79
N GLU E 95 32.05 -14.02 30.56
CA GLU E 95 33.37 -14.21 29.99
C GLU E 95 33.42 -13.60 28.60
N LEU E 96 34.44 -12.80 28.34
CA LEU E 96 34.55 -12.08 27.09
C LEU E 96 35.04 -13.01 25.98
N ILE E 97 34.26 -13.12 24.93
CA ILE E 97 34.55 -14.04 23.83
C ILE E 97 35.15 -13.24 22.68
N LEU E 98 36.24 -13.76 22.11
CA LEU E 98 36.91 -13.14 20.99
C LEU E 98 36.78 -14.06 19.78
N TYR E 99 36.33 -13.49 18.66
CA TYR E 99 36.07 -14.25 17.46
C TYR E 99 36.66 -13.53 16.27
N ASP E 100 37.19 -14.29 15.32
CA ASP E 100 37.71 -13.70 14.09
C ASP E 100 36.55 -13.17 13.25
N LYS E 101 36.71 -11.94 12.75
CA LYS E 101 35.65 -11.33 11.94
C LYS E 101 35.43 -12.13 10.66
N GLU E 102 36.50 -12.71 10.11
CA GLU E 102 36.35 -13.56 8.94
C GLU E 102 35.56 -14.81 9.27
N GLU E 103 35.76 -15.35 10.48
CA GLU E 103 35.01 -16.54 10.89
C GLU E 103 33.53 -16.22 11.05
N ILE E 104 33.21 -15.07 11.63
CA ILE E 104 31.81 -14.68 11.80
C ILE E 104 31.18 -14.37 10.45
N ARG E 105 31.91 -13.71 9.56
CA ARG E 105 31.37 -13.41 8.24
C ARG E 105 31.06 -14.68 7.47
N ARG E 106 31.96 -15.66 7.53
CA ARG E 106 31.73 -16.94 6.85
C ARG E 106 30.50 -17.65 7.43
N ILE E 107 30.36 -17.63 8.76
CA ILE E 107 29.22 -18.28 9.40
C ILE E 107 27.92 -17.60 8.99
N TRP E 108 27.90 -16.26 8.97
CA TRP E 108 26.71 -15.56 8.54
C TRP E 108 26.36 -15.86 7.08
N ARG E 109 27.36 -15.82 6.20
CA ARG E 109 27.11 -16.08 4.79
C ARG E 109 26.63 -17.51 4.57
N GLN E 110 27.22 -18.47 5.27
CA GLN E 110 26.79 -19.86 5.12
C GLN E 110 25.34 -20.04 5.56
N ALA E 111 24.93 -19.33 6.61
CA ALA E 111 23.55 -19.41 7.08
C ALA E 111 22.56 -18.85 6.09
N ASN E 112 22.96 -17.87 5.27
CA ASN E 112 22.10 -17.27 4.26
C ASN E 112 22.39 -17.78 2.86
N ASN E 113 22.87 -19.02 2.75
CA ASN E 113 23.08 -19.66 1.46
C ASN E 113 24.16 -18.94 0.65
N GLY E 114 25.19 -18.45 1.34
CA GLY E 114 26.35 -17.89 0.67
C GLY E 114 26.21 -16.46 0.19
N ASP E 115 25.10 -15.80 0.46
CA ASP E 115 24.92 -14.41 0.06
C ASP E 115 25.11 -13.48 1.26
N ASP E 116 25.49 -12.24 0.96
CA ASP E 116 25.79 -11.29 2.02
C ASP E 116 24.57 -11.03 2.90
N ALA E 117 23.42 -10.79 2.27
CA ALA E 117 22.16 -10.57 2.98
C ALA E 117 22.31 -9.44 4.00
N THR E 118 22.58 -8.24 3.48
CA THR E 118 22.64 -7.06 4.34
C THR E 118 21.27 -6.69 4.90
N ALA E 119 20.18 -7.22 4.35
CA ALA E 119 18.86 -6.96 4.91
C ALA E 119 18.74 -7.52 6.32
N GLY E 120 19.32 -8.69 6.56
CA GLY E 120 19.30 -9.24 7.91
C GLY E 120 20.09 -8.40 8.88
N LEU E 121 21.22 -7.85 8.44
CA LEU E 121 22.01 -6.99 9.29
C LEU E 121 21.27 -5.70 9.62
N THR E 122 20.66 -5.07 8.61
CA THR E 122 19.88 -3.86 8.85
C THR E 122 18.70 -4.13 9.77
N HIS E 123 18.11 -5.32 9.67
CA HIS E 123 17.02 -5.69 10.58
C HIS E 123 17.50 -5.73 12.02
N MET E 124 18.68 -6.33 12.26
CA MET E 124 19.21 -6.37 13.61
C MET E 124 19.59 -4.96 14.09
N MET E 125 20.11 -4.12 13.19
CA MET E 125 20.44 -2.75 13.56
C MET E 125 19.18 -1.97 13.94
N ILE E 126 18.07 -2.21 13.24
CA ILE E 126 16.81 -1.57 13.60
C ILE E 126 16.35 -2.05 14.97
N TRP E 127 16.51 -3.33 15.25
CA TRP E 127 16.14 -3.85 16.57
C TRP E 127 16.94 -3.17 17.67
N HIS E 128 18.25 -3.01 17.47
CA HIS E 128 19.06 -2.28 18.45
C HIS E 128 18.61 -0.83 18.57
N SER E 129 18.30 -0.19 17.44
CA SER E 129 17.83 1.18 17.48
C SER E 129 16.52 1.31 18.25
N ASN E 130 15.59 0.38 18.02
CA ASN E 130 14.33 0.41 18.76
C ASN E 130 14.56 0.25 20.26
N LEU E 131 15.45 -0.67 20.63
CA LEU E 131 15.76 -0.86 22.05
C LEU E 131 16.41 0.39 22.65
N ASN E 132 17.31 1.02 21.90
CA ASN E 132 17.93 2.25 22.38
C ASN E 132 16.90 3.37 22.54
N ASP E 133 15.97 3.48 21.59
CA ASP E 133 14.96 4.52 21.66
C ASP E 133 14.05 4.34 22.87
N ALA E 134 13.68 3.10 23.17
CA ALA E 134 12.79 2.85 24.29
C ALA E 134 13.49 2.98 25.63
N THR E 135 14.81 2.83 25.66
CA THR E 135 15.57 2.81 26.90
C THR E 135 16.22 4.16 27.20
N TYR E 136 17.02 4.67 26.27
CA TYR E 136 17.85 5.84 26.50
C TYR E 136 17.31 7.04 25.73
N GLN E 137 17.38 8.21 26.35
CA GLN E 137 16.90 9.46 25.79
C GLN E 137 18.11 10.36 25.50
N ARG E 138 18.30 10.72 24.24
CA ARG E 138 19.49 11.48 23.84
C ARG E 138 19.12 12.95 23.69
N THR E 139 18.97 13.62 24.84
CA THR E 139 18.78 15.07 24.84
C THR E 139 20.08 15.82 24.67
N ARG E 140 21.21 15.19 25.04
CA ARG E 140 22.51 15.85 24.93
C ARG E 140 22.87 16.11 23.47
N ALA E 141 22.55 15.16 22.59
CA ALA E 141 22.78 15.40 21.17
C ALA E 141 21.84 16.44 20.60
N LEU E 142 20.61 16.51 21.12
CA LEU E 142 19.66 17.50 20.65
C LEU E 142 20.13 18.91 20.97
N VAL E 143 20.58 19.14 22.20
CA VAL E 143 21.05 20.46 22.60
C VAL E 143 22.36 20.80 21.91
N ARG E 144 23.24 19.82 21.75
CA ARG E 144 24.55 20.08 21.18
C ARG E 144 24.44 20.52 19.72
N THR E 145 23.41 20.04 19.01
CA THR E 145 23.14 20.49 17.65
C THR E 145 22.27 21.74 17.61
N GLY E 146 21.80 22.24 18.75
CA GLY E 146 20.99 23.42 18.80
C GLY E 146 19.49 23.19 18.74
N MET E 147 19.05 21.94 18.73
CA MET E 147 17.64 21.63 18.64
C MET E 147 17.01 21.58 20.02
N ASP E 148 15.74 21.94 20.09
CA ASP E 148 15.06 21.99 21.37
C ASP E 148 14.91 20.59 21.94
N PRO E 149 15.32 20.35 23.19
CA PRO E 149 15.25 19.00 23.76
C PRO E 149 13.84 18.45 23.91
N ARG E 150 12.81 19.24 23.62
CA ARG E 150 11.44 18.77 23.77
C ARG E 150 10.98 17.90 22.60
N MET E 151 11.66 17.95 21.46
CA MET E 151 11.22 17.18 20.29
C MET E 151 11.85 15.79 20.32
N CYS E 152 11.58 15.08 21.42
CA CYS E 152 12.05 13.70 21.56
C CYS E 152 11.13 12.71 20.87
N SER E 153 9.93 13.12 20.48
CA SER E 153 9.03 12.25 19.73
C SER E 153 9.49 12.02 18.30
N LEU E 154 10.39 12.86 17.79
CA LEU E 154 10.88 12.76 16.42
C LEU E 154 12.26 12.11 16.37
N MET E 155 12.75 11.58 17.48
CA MET E 155 14.09 11.02 17.59
C MET E 155 14.14 9.54 17.21
N GLN E 156 13.20 9.08 16.41
CA GLN E 156 13.14 7.66 16.07
C GLN E 156 14.32 7.30 15.19
N GLY E 157 15.07 6.28 15.60
CA GLY E 157 16.23 5.83 14.86
C GLY E 157 17.38 6.80 14.81
N SER E 158 17.61 7.56 15.89
CA SER E 158 18.75 8.47 15.94
C SER E 158 20.06 7.73 16.16
N THR E 159 20.02 6.50 16.66
CA THR E 159 21.21 5.70 16.88
C THR E 159 21.52 4.77 15.71
N LEU E 160 20.77 4.86 14.63
CA LEU E 160 21.02 4.00 13.48
C LEU E 160 22.30 4.44 12.76
N PRO E 161 23.24 3.54 12.51
CA PRO E 161 24.44 3.92 11.76
C PRO E 161 24.11 4.21 10.30
N ARG E 162 25.00 4.97 9.67
CA ARG E 162 24.79 5.34 8.26
C ARG E 162 24.75 4.13 7.35
N ARG E 163 25.24 2.97 7.79
CA ARG E 163 25.23 1.77 6.97
C ARG E 163 23.81 1.34 6.60
N SER E 164 22.82 1.73 7.39
CA SER E 164 21.43 1.36 7.13
C SER E 164 20.81 2.39 6.21
N GLY E 165 20.91 2.16 4.91
CA GLY E 165 20.32 3.02 3.92
C GLY E 165 18.97 2.49 3.46
N ALA E 166 18.13 3.38 2.98
CA ALA E 166 16.80 2.98 2.54
C ALA E 166 16.02 2.35 3.69
N ALA E 167 16.32 1.09 3.98
CA ALA E 167 15.61 0.39 5.06
C ALA E 167 15.73 1.16 6.37
N GLY E 168 16.94 1.56 6.74
CA GLY E 168 17.12 2.36 7.94
C GLY E 168 16.52 3.75 7.82
N ALA E 169 16.67 4.37 6.65
CA ALA E 169 16.17 5.73 6.47
C ALA E 169 14.65 5.78 6.54
N ALA E 170 13.97 4.74 6.06
CA ALA E 170 12.51 4.71 6.12
C ALA E 170 12.01 4.71 7.55
N VAL E 171 12.70 4.00 8.44
CA VAL E 171 12.25 3.87 9.82
C VAL E 171 12.66 5.04 10.70
N LYS E 172 13.62 5.84 10.28
CA LYS E 172 14.06 6.97 11.07
C LYS E 172 13.13 8.16 10.87
N GLY E 173 13.08 9.03 11.88
CA GLY E 173 12.08 10.06 11.97
C GLY E 173 12.57 11.42 11.51
N VAL E 174 11.65 12.38 11.56
CA VAL E 174 11.95 13.73 11.08
C VAL E 174 13.03 14.37 11.93
N GLY E 175 12.95 14.22 13.25
CA GLY E 175 13.94 14.84 14.11
C GLY E 175 15.34 14.33 13.87
N THR E 176 15.50 13.03 13.71
CA THR E 176 16.83 12.46 13.44
C THR E 176 17.33 12.94 12.09
N MET E 177 16.45 13.02 11.09
CA MET E 177 16.86 13.47 9.78
C MET E 177 17.34 14.91 9.82
N VAL E 178 16.62 15.76 10.56
CA VAL E 178 17.02 17.16 10.68
C VAL E 178 18.36 17.29 11.38
N MET E 179 18.60 16.45 12.40
CA MET E 179 19.89 16.48 13.09
C MET E 179 21.03 16.15 12.13
N GLU E 180 20.81 15.20 11.22
CA GLU E 180 21.84 14.89 10.23
C GLU E 180 22.12 16.08 9.33
N LEU E 181 21.06 16.76 8.88
CA LEU E 181 21.24 17.96 8.06
C LEU E 181 21.99 19.05 8.82
N ILE E 182 21.64 19.25 10.09
CA ILE E 182 22.25 20.33 10.86
C ILE E 182 23.74 20.08 11.03
N ARG E 183 24.13 18.84 11.34
CA ARG E 183 25.55 18.54 11.51
C ARG E 183 26.31 18.78 10.22
N MET E 184 25.71 18.46 9.08
CA MET E 184 26.32 18.80 7.80
C MET E 184 26.50 20.30 7.68
N ILE E 185 25.48 21.07 8.08
CA ILE E 185 25.56 22.53 8.00
C ILE E 185 26.65 23.05 8.92
N LYS E 186 26.73 22.53 10.15
CA LYS E 186 27.72 23.02 11.10
C LYS E 186 29.14 22.78 10.60
N ARG E 187 29.40 21.61 10.03
CA ARG E 187 30.73 21.34 9.50
C ARG E 187 31.07 22.27 8.35
N GLY E 188 30.08 22.60 7.51
CA GLY E 188 30.31 23.55 6.45
C GLY E 188 30.64 24.94 6.97
N ILE E 189 29.94 25.37 8.01
CA ILE E 189 30.22 26.70 8.59
C ILE E 189 31.60 26.73 9.22
N ASN E 190 31.95 25.66 9.95
CA ASN E 190 33.25 25.63 10.62
C ASN E 190 34.40 25.48 9.64
N ASP E 191 34.23 24.63 8.63
CA ASP E 191 35.26 24.35 7.64
C ASP E 191 34.86 24.99 6.31
N ARG E 192 35.68 25.94 5.84
CA ARG E 192 35.37 26.62 4.59
C ARG E 192 35.55 25.70 3.39
N ASN E 193 36.47 24.74 3.48
CA ASN E 193 36.70 23.79 2.39
C ASN E 193 35.47 22.94 2.13
N PHE E 194 34.61 22.74 3.12
CA PHE E 194 33.39 21.98 2.93
C PHE E 194 32.54 22.62 1.83
N TRP E 195 31.83 21.78 1.09
CA TRP E 195 31.06 22.21 -0.08
C TRP E 195 31.95 22.65 -1.23
N ARG E 196 33.25 22.36 -1.15
CA ARG E 196 34.18 22.74 -2.19
C ARG E 196 35.18 21.62 -2.39
N GLY E 197 35.65 21.47 -3.62
CA GLY E 197 36.58 20.42 -3.94
C GLY E 197 35.89 19.14 -4.35
N GLU E 198 36.71 18.10 -4.57
CA GLU E 198 36.17 16.80 -4.96
C GLU E 198 35.25 16.25 -3.88
N ASN E 199 35.65 16.37 -2.61
CA ASN E 199 34.83 15.87 -1.52
C ASN E 199 33.55 16.69 -1.37
N GLY E 200 33.62 18.01 -1.60
CA GLY E 200 32.42 18.82 -1.49
C GLY E 200 31.34 18.37 -2.44
N ARG E 201 31.73 17.89 -3.63
CA ARG E 201 30.75 17.32 -4.55
C ARG E 201 30.09 16.10 -3.96
N ARG E 202 30.86 15.21 -3.34
CA ARG E 202 30.30 14.04 -2.70
C ARG E 202 29.37 14.42 -1.55
N THR E 203 29.78 15.39 -0.74
CA THR E 203 28.93 15.83 0.36
C THR E 203 27.63 16.44 -0.16
N ARG E 204 27.70 17.18 -1.27
CA ARG E 204 26.50 17.81 -1.81
C ARG E 204 25.49 16.76 -2.26
N ILE E 205 25.95 15.71 -2.94
CA ILE E 205 25.02 14.67 -3.36
C ILE E 205 24.41 13.97 -2.17
N ALA E 206 25.22 13.71 -1.14
CA ALA E 206 24.68 13.13 0.10
C ALA E 206 23.66 14.07 0.74
N TYR E 207 23.96 15.37 0.75
CA TYR E 207 23.02 16.34 1.31
C TYR E 207 21.71 16.35 0.52
N GLU E 208 21.80 16.26 -0.82
CA GLU E 208 20.60 16.27 -1.65
C GLU E 208 19.74 15.05 -1.37
N ARG E 209 20.36 13.88 -1.27
CA ARG E 209 19.60 12.63 -1.15
C ARG E 209 18.81 12.59 0.15
N MET E 210 19.44 12.96 1.26
CA MET E 210 18.77 12.90 2.55
C MET E 210 17.74 14.04 2.70
N CYS E 211 17.91 15.12 1.94
CA CYS E 211 16.85 16.14 1.90
C CYS E 211 15.61 15.62 1.19
N ASN E 212 15.81 14.86 0.10
CA ASN E 212 14.66 14.31 -0.63
C ASN E 212 13.89 13.31 0.23
N ILE E 213 14.62 12.41 0.91
CA ILE E 213 13.94 11.42 1.74
C ILE E 213 13.29 12.08 2.95
N LEU E 214 13.89 13.16 3.48
CA LEU E 214 13.22 13.94 4.51
C LEU E 214 11.96 14.60 3.96
N LYS E 215 12.02 15.09 2.73
CA LYS E 215 10.87 15.75 2.12
C LYS E 215 9.72 14.76 1.92
N GLY E 216 10.03 13.54 1.49
CA GLY E 216 9.01 12.52 1.35
C GLY E 216 8.42 12.08 2.67
N LYS E 217 9.08 12.39 3.78
CA LYS E 217 8.56 12.03 5.09
C LYS E 217 7.39 12.92 5.50
N PHE E 218 7.34 14.14 4.97
CA PHE E 218 6.29 15.09 5.32
C PHE E 218 5.03 14.82 4.51
N GLN E 219 3.92 15.38 4.96
CA GLN E 219 2.62 15.17 4.33
C GLN E 219 2.02 16.45 3.77
N THR E 220 2.03 17.54 4.55
CA THR E 220 1.47 18.79 4.07
C THR E 220 2.36 19.38 2.96
N ALA E 221 1.73 20.03 2.00
CA ALA E 221 2.46 20.63 0.89
C ALA E 221 3.36 21.76 1.37
N ALA E 222 2.93 22.50 2.38
CA ALA E 222 3.72 23.61 2.88
C ALA E 222 5.07 23.13 3.43
N GLN E 223 5.06 22.03 4.18
CA GLN E 223 6.30 21.50 4.73
C GLN E 223 7.24 21.04 3.63
N ARG E 224 6.72 20.37 2.60
CA ARG E 224 7.57 19.89 1.52
C ARG E 224 8.22 21.03 0.76
N THR E 225 7.45 22.11 0.51
CA THR E 225 8.01 23.25 -0.19
C THR E 225 9.10 23.91 0.63
N MET E 226 8.93 23.95 1.96
CA MET E 226 9.95 24.52 2.82
C MET E 226 11.25 23.72 2.77
N VAL E 227 11.16 22.38 2.75
CA VAL E 227 12.36 21.56 2.64
C VAL E 227 13.00 21.73 1.27
N ASP E 228 12.19 21.89 0.22
CA ASP E 228 12.72 22.02 -1.12
C ASP E 228 13.58 23.28 -1.24
N GLN E 229 13.17 24.36 -0.59
CA GLN E 229 13.97 25.58 -0.61
C GLN E 229 15.33 25.37 0.04
N VAL E 230 15.35 24.70 1.20
CA VAL E 230 16.60 24.51 1.93
C VAL E 230 17.58 23.69 1.09
N ARG E 231 17.08 22.73 0.33
CA ARG E 231 17.94 21.89 -0.49
C ARG E 231 18.66 22.70 -1.56
N GLU E 232 17.97 23.68 -2.16
CA GLU E 232 18.56 24.47 -3.22
C GLU E 232 19.75 25.33 -2.77
N SER E 233 19.88 25.60 -1.48
CA SER E 233 20.95 26.47 -1.00
C SER E 233 22.32 25.89 -1.33
N ARG E 234 23.12 26.62 -2.12
CA ARG E 234 24.43 26.11 -2.51
C ARG E 234 25.42 26.15 -1.36
N ASN E 235 25.34 27.18 -0.52
CA ASN E 235 26.19 27.31 0.66
C ASN E 235 25.25 27.51 1.84
N PRO E 236 24.73 26.43 2.43
CA PRO E 236 23.80 26.57 3.54
C PRO E 236 24.48 27.19 4.76
N GLY E 237 23.71 27.99 5.48
CA GLY E 237 24.22 28.65 6.68
C GLY E 237 23.20 28.72 7.79
N ASN E 238 23.16 29.84 8.50
CA ASN E 238 22.23 29.98 9.61
C ASN E 238 20.78 30.03 9.13
N ALA E 239 20.55 30.57 7.93
CA ALA E 239 19.19 30.66 7.42
C ALA E 239 18.55 29.29 7.30
N GLU E 240 19.27 28.32 6.73
CA GLU E 240 18.75 26.96 6.68
C GLU E 240 18.75 26.32 8.06
N PHE E 241 19.72 26.67 8.91
CA PHE E 241 19.73 26.17 10.28
C PHE E 241 18.43 26.51 10.98
N GLU E 242 18.02 27.77 10.96
CA GLU E 242 16.76 28.15 11.60
C GLU E 242 15.56 27.57 10.86
N ASP E 243 15.61 27.53 9.52
CA ASP E 243 14.48 27.02 8.76
C ASP E 243 14.21 25.56 9.08
N LEU E 244 15.26 24.75 9.18
CA LEU E 244 15.09 23.35 9.54
C LEU E 244 14.56 23.21 10.96
N ILE E 245 15.02 24.06 11.88
CA ILE E 245 14.54 24.02 13.26
C ILE E 245 13.03 24.26 13.29
N PHE E 246 12.55 25.19 12.45
CA PHE E 246 11.11 25.41 12.34
C PHE E 246 10.41 24.17 11.79
N LEU E 247 11.03 23.50 10.82
CA LEU E 247 10.44 22.30 10.25
C LEU E 247 10.27 21.22 11.31
N ALA E 248 11.27 21.03 12.16
CA ALA E 248 11.17 20.02 13.22
C ALA E 248 10.06 20.38 14.20
N ARG E 249 9.98 21.65 14.59
CA ARG E 249 8.92 22.07 15.50
C ARG E 249 7.54 21.85 14.87
N SER E 250 7.43 22.05 13.56
CA SER E 250 6.17 21.82 12.88
C SER E 250 5.79 20.34 12.85
N ALA E 251 6.78 19.46 12.86
CA ALA E 251 6.49 18.03 12.80
C ALA E 251 5.78 17.53 14.05
N LEU E 252 5.83 18.27 15.15
CA LEU E 252 5.11 17.86 16.35
C LEU E 252 3.60 17.89 16.15
N ILE E 253 3.10 18.80 15.34
CA ILE E 253 1.66 18.94 15.07
C ILE E 253 1.30 18.26 13.74
N LEU E 254 2.00 18.63 12.67
CA LEU E 254 1.81 18.01 11.36
C LEU E 254 2.84 16.87 11.21
N ARG E 255 2.52 15.74 11.84
CA ARG E 255 3.46 14.66 11.96
C ARG E 255 3.80 14.08 10.59
N GLY E 256 5.05 13.67 10.43
CA GLY E 256 5.50 13.03 9.21
C GLY E 256 5.19 11.54 9.18
N SER E 257 5.62 10.91 8.10
CA SER E 257 5.39 9.49 7.88
C SER E 257 6.66 8.73 8.28
N VAL E 258 6.61 8.07 9.43
CA VAL E 258 7.73 7.28 9.94
C VAL E 258 7.29 5.82 9.94
N ALA E 259 8.07 4.98 9.27
CA ALA E 259 7.76 3.56 9.23
C ALA E 259 8.05 2.92 10.58
N HIS E 260 7.12 2.08 11.03
CA HIS E 260 7.26 1.36 12.29
C HIS E 260 7.24 -0.13 12.01
N LYS E 261 8.31 -0.82 12.40
CA LYS E 261 8.45 -2.25 12.19
C LYS E 261 8.81 -2.93 13.50
N SER E 262 8.32 -4.16 13.67
CA SER E 262 8.60 -4.95 14.87
C SER E 262 9.78 -5.85 14.57
N CYS E 263 10.97 -5.41 14.98
CA CYS E 263 12.20 -6.18 14.79
C CYS E 263 12.56 -6.85 16.11
N LEU E 264 12.43 -8.17 16.15
CA LEU E 264 12.61 -8.94 17.38
C LEU E 264 14.07 -9.34 17.55
N PRO E 265 14.46 -9.72 18.77
CA PRO E 265 15.82 -10.23 18.99
C PRO E 265 16.04 -11.55 18.28
N ALA E 266 17.29 -11.81 17.94
CA ALA E 266 17.63 -13.01 17.18
C ALA E 266 17.32 -14.29 17.95
N CYS E 267 17.24 -14.22 19.28
CA CYS E 267 16.90 -15.40 20.06
C CYS E 267 15.51 -15.91 19.73
N VAL E 268 14.57 -14.99 19.48
CA VAL E 268 13.21 -15.39 19.12
C VAL E 268 13.21 -16.12 17.79
N TYR E 269 13.92 -15.57 16.79
CA TYR E 269 14.01 -16.24 15.50
C TYR E 269 14.72 -17.57 15.60
N GLY E 270 15.79 -17.64 16.40
CA GLY E 270 16.51 -18.90 16.54
C GLY E 270 15.65 -20.00 17.14
N SER E 271 14.89 -19.67 18.19
CA SER E 271 13.99 -20.66 18.78
C SER E 271 12.92 -21.08 17.78
N ALA E 272 12.38 -20.14 17.02
CA ALA E 272 11.35 -20.47 16.04
C ALA E 272 11.89 -21.38 14.94
N VAL E 273 13.10 -21.07 14.44
CA VAL E 273 13.66 -21.87 13.37
C VAL E 273 14.03 -23.27 13.87
N ALA E 274 14.56 -23.35 15.09
CA ALA E 274 14.91 -24.66 15.65
C ALA E 274 13.67 -25.51 15.87
N SER E 275 12.51 -24.88 16.07
CA SER E 275 11.26 -25.60 16.25
C SER E 275 10.69 -26.14 14.94
N GLY E 276 11.44 -26.08 13.86
CA GLY E 276 10.97 -26.55 12.56
C GLY E 276 10.20 -25.51 11.77
N TYR E 277 9.99 -24.32 12.35
CA TYR E 277 9.20 -23.30 11.69
C TYR E 277 9.93 -22.79 10.45
N ASP E 278 9.20 -22.65 9.35
CA ASP E 278 9.77 -22.27 8.06
C ASP E 278 9.23 -20.89 7.70
N PHE E 279 10.02 -19.86 7.98
CA PHE E 279 9.60 -18.50 7.63
C PHE E 279 9.54 -18.31 6.13
N GLU E 280 10.46 -18.92 5.38
CA GLU E 280 10.49 -18.76 3.94
C GLU E 280 9.22 -19.31 3.31
N ARG E 281 8.66 -20.39 3.86
CA ARG E 281 7.50 -21.03 3.25
C ARG E 281 6.22 -20.24 3.52
N GLU E 282 5.88 -20.08 4.80
CA GLU E 282 4.66 -19.36 5.19
C GLU E 282 4.83 -17.85 5.16
N GLY E 283 6.05 -17.35 5.05
CA GLY E 283 6.27 -15.92 4.90
C GLY E 283 6.14 -15.16 6.19
N TYR E 284 6.51 -13.88 6.13
CA TYR E 284 6.62 -13.04 7.30
C TYR E 284 6.28 -11.61 6.95
N SER E 285 6.09 -10.79 7.98
CA SER E 285 5.81 -9.37 7.78
C SER E 285 6.14 -8.59 9.05
N LEU E 286 6.86 -7.49 8.92
CA LEU E 286 7.27 -6.72 10.08
C LEU E 286 6.21 -5.75 10.58
N VAL E 287 5.11 -5.59 9.84
CA VAL E 287 4.04 -4.68 10.20
C VAL E 287 2.72 -5.40 10.43
N GLY E 288 2.66 -6.70 10.22
CA GLY E 288 1.44 -7.47 10.34
C GLY E 288 1.34 -8.21 11.66
N ILE E 289 0.59 -9.31 11.63
CA ILE E 289 0.40 -10.13 12.83
C ILE E 289 1.55 -11.09 13.09
N ASP E 290 2.42 -11.32 12.11
CA ASP E 290 3.47 -12.32 12.27
C ASP E 290 4.33 -12.08 13.50
N PRO E 291 4.88 -10.88 13.72
CA PRO E 291 5.68 -10.66 14.93
C PRO E 291 4.90 -10.88 16.21
N PHE E 292 3.63 -10.46 16.23
CA PHE E 292 2.82 -10.62 17.43
C PHE E 292 2.59 -12.09 17.74
N ARG E 293 2.30 -12.89 16.71
CA ARG E 293 2.10 -14.32 16.90
C ARG E 293 3.37 -15.02 17.32
N LEU E 294 4.52 -14.58 16.80
CA LEU E 294 5.79 -15.17 17.19
C LEU E 294 6.09 -14.92 18.66
N LEU E 295 5.85 -13.69 19.14
CA LEU E 295 6.16 -13.35 20.52
C LEU E 295 5.25 -14.06 21.50
N GLN E 296 4.03 -14.39 21.09
CA GLN E 296 3.11 -15.09 21.99
C GLN E 296 3.65 -16.46 22.37
N ASN E 297 4.24 -17.18 21.43
CA ASN E 297 4.73 -18.53 21.64
C ASN E 297 6.19 -18.56 22.08
N SER E 298 6.85 -17.40 22.16
CA SER E 298 8.28 -17.34 22.39
C SER E 298 8.57 -16.96 23.83
N GLN E 299 9.50 -17.70 24.44
CA GLN E 299 9.93 -17.45 25.82
C GLN E 299 11.37 -16.97 25.80
N VAL E 300 11.61 -15.84 26.45
CA VAL E 300 12.92 -15.20 26.44
C VAL E 300 13.29 -14.81 27.85
N TYR E 301 14.53 -15.11 28.24
CA TYR E 301 15.05 -14.78 29.56
C TYR E 301 16.00 -13.59 29.47
N SER E 302 16.16 -12.90 30.58
CA SER E 302 17.03 -11.75 30.66
C SER E 302 17.70 -11.70 32.03
N LEU E 303 18.79 -10.94 32.11
CA LEU E 303 19.47 -10.72 33.38
C LEU E 303 18.83 -9.54 34.09
N ILE E 304 18.42 -9.75 35.34
CA ILE E 304 17.76 -8.73 36.14
C ILE E 304 18.73 -8.31 37.24
N ARG E 305 19.05 -7.02 37.28
CA ARG E 305 19.93 -6.51 38.32
C ARG E 305 19.21 -6.47 39.66
N PRO E 306 19.96 -6.48 40.76
CA PRO E 306 19.32 -6.44 42.08
C PRO E 306 18.44 -5.21 42.23
N ASN E 307 17.28 -5.40 42.87
CA ASN E 307 16.32 -4.33 43.08
C ASN E 307 15.85 -3.74 41.74
N GLU E 308 15.27 -4.62 40.93
CA GLU E 308 14.72 -4.23 39.65
C GLU E 308 13.45 -5.04 39.41
N ASN E 309 12.40 -4.37 38.94
CA ASN E 309 11.13 -5.04 38.69
C ASN E 309 11.20 -5.80 37.37
N PRO E 310 11.06 -7.13 37.38
CA PRO E 310 11.12 -7.87 36.11
C PRO E 310 10.06 -7.44 35.12
N ALA E 311 8.88 -7.05 35.59
CA ALA E 311 7.83 -6.63 34.67
C ALA E 311 8.21 -5.36 33.92
N HIS E 312 8.85 -4.41 34.61
CA HIS E 312 9.22 -3.17 33.96
C HIS E 312 10.27 -3.39 32.87
N LYS E 313 11.23 -4.28 33.12
CA LYS E 313 12.18 -4.62 32.07
C LYS E 313 11.49 -5.33 30.91
N SER E 314 10.54 -6.22 31.21
CA SER E 314 9.80 -6.90 30.16
C SER E 314 8.98 -5.91 29.34
N GLN E 315 8.39 -4.91 29.99
CA GLN E 315 7.66 -3.89 29.25
C GLN E 315 8.60 -3.08 28.37
N LEU E 316 9.81 -2.81 28.86
CA LEU E 316 10.79 -2.09 28.06
C LEU E 316 11.17 -2.90 26.81
N VAL E 317 11.37 -4.21 26.97
CA VAL E 317 11.68 -5.04 25.81
C VAL E 317 10.47 -5.15 24.89
N TRP E 318 9.27 -5.23 25.48
CA TRP E 318 8.06 -5.25 24.66
C TRP E 318 7.93 -3.96 23.86
N MET E 319 8.22 -2.82 24.49
CA MET E 319 8.15 -1.54 23.80
C MET E 319 9.17 -1.47 22.66
N ALA E 320 10.39 -1.96 22.90
CA ALA E 320 11.41 -1.95 21.86
C ALA E 320 11.07 -2.88 20.71
N CYS E 321 10.45 -4.02 21.02
CA CYS E 321 10.16 -5.01 19.98
C CYS E 321 9.22 -4.42 18.93
N HIS E 322 8.21 -3.67 19.35
CA HIS E 322 7.21 -3.11 18.46
C HIS E 322 7.46 -1.64 18.14
N SER E 323 8.59 -1.08 18.58
CA SER E 323 8.96 0.30 18.28
C SER E 323 7.87 1.28 18.71
N ALA E 324 7.33 1.05 19.90
CA ALA E 324 6.29 1.91 20.45
C ALA E 324 6.81 2.84 21.55
N ALA E 325 8.07 3.25 21.45
CA ALA E 325 8.65 4.10 22.49
C ALA E 325 7.97 5.46 22.54
N PHE E 326 7.65 6.03 21.38
CA PHE E 326 7.04 7.35 21.28
C PHE E 326 5.55 7.30 21.00
N GLU E 327 4.94 6.13 21.16
CA GLU E 327 3.52 5.98 20.92
C GLU E 327 2.72 6.26 22.19
N ASP E 328 1.43 6.54 22.00
CA ASP E 328 0.57 6.87 23.13
C ASP E 328 0.57 5.75 24.16
N LEU E 329 0.67 6.13 25.44
CA LEU E 329 0.64 5.15 26.50
C LEU E 329 -0.71 4.42 26.56
N ARG E 330 -1.80 5.15 26.33
CA ARG E 330 -3.13 4.54 26.41
C ARG E 330 -3.29 3.45 25.35
N VAL E 331 -2.82 3.71 24.13
CA VAL E 331 -2.94 2.70 23.08
C VAL E 331 -2.00 1.53 23.36
N SER E 332 -0.80 1.81 23.84
CA SER E 332 0.12 0.74 24.21
C SER E 332 -0.42 -0.09 25.36
N SER E 333 -1.01 0.57 26.37
CA SER E 333 -1.58 -0.16 27.49
C SER E 333 -2.74 -1.05 27.04
N PHE E 334 -3.57 -0.54 26.12
CA PHE E 334 -4.69 -1.32 25.63
C PHE E 334 -4.23 -2.58 24.91
N ILE E 335 -3.22 -2.46 24.05
CA ILE E 335 -2.77 -3.60 23.27
C ILE E 335 -2.06 -4.63 24.15
N ARG E 336 -1.22 -4.17 25.07
CA ARG E 336 -0.51 -5.09 25.94
C ARG E 336 -1.45 -5.79 26.92
N GLY E 337 -2.49 -5.09 27.37
CA GLY E 337 -3.41 -5.60 28.35
C GLY E 337 -3.04 -5.27 29.79
N THR E 338 -1.80 -4.90 30.04
CA THR E 338 -1.34 -4.44 31.33
C THR E 338 -0.81 -3.02 31.18
N LYS E 339 -1.02 -2.20 32.21
CA LYS E 339 -0.70 -0.78 32.10
C LYS E 339 0.76 -0.59 31.74
N VAL E 340 1.01 0.29 30.77
CA VAL E 340 2.35 0.70 30.40
C VAL E 340 2.72 1.93 31.19
N VAL E 341 3.88 1.90 31.85
CA VAL E 341 4.30 2.98 32.73
C VAL E 341 5.23 3.93 31.97
N PRO E 342 5.25 5.22 32.29
CA PRO E 342 6.22 6.12 31.67
C PRO E 342 7.64 5.74 32.06
N ARG E 343 8.60 6.31 31.33
CA ARG E 343 10.00 5.99 31.57
C ARG E 343 10.44 6.39 32.96
N GLY E 344 9.93 7.53 33.47
CA GLY E 344 10.35 7.99 34.77
C GLY E 344 9.94 7.06 35.89
N LYS E 345 8.90 6.24 35.68
CA LYS E 345 8.41 5.32 36.69
C LYS E 345 8.83 3.88 36.43
N LEU E 346 9.78 3.67 35.51
CA LEU E 346 10.35 2.35 35.27
C LEU E 346 11.50 2.13 36.23
N SER E 347 11.39 1.10 37.06
CA SER E 347 12.43 0.81 38.05
C SER E 347 13.45 -0.18 37.49
N THR E 348 14.08 0.22 36.40
CA THR E 348 15.04 -0.64 35.72
C THR E 348 16.01 0.21 34.93
N ARG E 349 17.23 -0.30 34.76
CA ARG E 349 18.23 0.28 33.90
C ARG E 349 18.22 -0.44 32.55
N GLY E 350 19.22 -0.16 31.73
CA GLY E 350 19.25 -0.73 30.39
C GLY E 350 19.39 -2.24 30.40
N VAL E 351 19.01 -2.84 29.27
CA VAL E 351 19.09 -4.29 29.14
C VAL E 351 20.53 -4.76 29.16
N GLN E 352 21.41 -4.06 28.44
CA GLN E 352 22.78 -4.49 28.31
C GLN E 352 23.54 -4.29 29.62
N ILE E 353 24.27 -5.32 30.04
CA ILE E 353 24.99 -5.31 31.31
C ILE E 353 26.40 -4.78 31.09
N ALA E 354 26.89 -4.00 32.04
CA ALA E 354 28.18 -3.35 31.93
C ALA E 354 29.29 -4.25 32.44
N SER E 355 30.52 -3.93 32.04
CA SER E 355 31.67 -4.72 32.47
C SER E 355 31.92 -4.57 33.97
N ASN E 356 31.73 -3.37 34.51
CA ASN E 356 32.10 -3.09 35.90
C ASN E 356 31.06 -3.61 36.89
N GLU E 357 30.05 -4.30 36.40
CA GLU E 357 28.93 -4.73 37.25
C GLU E 357 29.26 -6.08 37.88
N ASN E 358 28.97 -6.20 39.17
CA ASN E 358 29.25 -7.41 39.92
C ASN E 358 28.33 -8.49 39.40
N MET E 359 28.87 -9.40 38.58
CA MET E 359 28.06 -10.44 37.98
C MET E 359 27.93 -11.61 38.94
N GLU E 360 27.55 -11.32 40.18
CA GLU E 360 27.32 -12.34 41.19
C GLU E 360 26.02 -12.15 41.97
N THR E 361 25.49 -10.93 42.04
CA THR E 361 24.19 -10.66 42.61
C THR E 361 23.11 -10.58 41.54
N MET E 362 23.40 -11.03 40.32
CA MET E 362 22.49 -10.90 39.19
C MET E 362 21.70 -12.20 39.04
N GLU E 363 20.38 -12.06 38.90
CA GLU E 363 19.50 -13.19 38.66
C GLU E 363 18.79 -13.00 37.34
N SER E 364 18.30 -14.10 36.78
CA SER E 364 17.63 -14.10 35.49
C SER E 364 16.13 -14.32 35.66
N SER E 365 15.35 -13.68 34.79
CA SER E 365 13.89 -13.82 34.82
C SER E 365 13.36 -13.93 33.40
N THR E 366 12.19 -14.54 33.28
CA THR E 366 11.53 -14.64 31.98
C THR E 366 10.82 -13.33 31.64
N LEU E 367 10.96 -12.91 30.39
CA LEU E 367 10.34 -11.68 29.92
C LEU E 367 8.92 -11.96 29.45
N GLU E 368 7.98 -11.14 29.92
CA GLU E 368 6.58 -11.29 29.54
C GLU E 368 6.31 -10.45 28.29
N LEU E 369 6.74 -10.98 27.16
CA LEU E 369 6.54 -10.31 25.87
C LEU E 369 5.25 -10.77 25.20
N ARG E 370 4.15 -10.71 25.94
CA ARG E 370 2.85 -11.14 25.44
C ARG E 370 1.86 -9.98 25.49
N SER E 371 1.14 -9.78 24.40
CA SER E 371 0.16 -8.72 24.27
C SER E 371 -1.23 -9.33 24.16
N ARG E 372 -2.19 -8.70 24.83
CA ARG E 372 -3.56 -9.18 24.76
C ARG E 372 -4.14 -9.01 23.35
N TYR E 373 -3.82 -7.90 22.69
CA TYR E 373 -4.30 -7.61 21.35
C TYR E 373 -3.13 -7.44 20.40
N TRP E 374 -3.43 -7.33 19.11
CA TRP E 374 -2.41 -7.09 18.11
C TRP E 374 -2.93 -6.06 17.11
N ALA E 375 -2.03 -5.18 16.67
CA ALA E 375 -2.40 -4.09 15.77
C ALA E 375 -1.40 -4.04 14.63
N ILE E 376 -1.76 -3.26 13.61
CA ILE E 376 -0.90 -3.09 12.43
C ILE E 376 -0.07 -1.83 12.61
N ARG E 377 1.24 -1.96 12.45
CA ARG E 377 2.13 -0.82 12.55
C ARG E 377 1.97 0.09 11.33
N THR E 378 2.04 1.39 11.56
CA THR E 378 1.73 2.39 10.55
C THR E 378 2.98 3.13 10.13
N ARG E 379 3.07 3.43 8.84
CA ARG E 379 4.08 4.32 8.30
C ARG E 379 3.53 5.73 8.06
N SER E 380 2.32 5.99 8.53
CA SER E 380 1.65 7.27 8.32
C SER E 380 1.56 8.04 9.63
N GLY E 381 1.44 9.35 9.51
CA GLY E 381 1.32 10.21 10.68
C GLY E 381 -0.12 10.39 11.11
N GLY E 382 -0.56 11.64 11.19
CA GLY E 382 -1.93 11.93 11.59
C GLY E 382 -2.80 12.29 10.41
N ASN E 383 -3.10 13.58 10.28
CA ASN E 383 -3.89 14.08 9.16
C ASN E 383 -3.23 15.30 8.53
N GLY E 392 -11.55 14.76 -2.73
CA GLY E 392 -12.63 14.23 -3.56
C GLY E 392 -12.40 14.41 -5.03
N GLN E 393 -13.44 14.21 -5.83
CA GLN E 393 -13.36 14.35 -7.28
C GLN E 393 -13.45 15.82 -7.66
N ILE E 394 -12.65 16.21 -8.66
CA ILE E 394 -12.56 17.59 -9.06
C ILE E 394 -12.71 17.72 -10.57
N SER E 395 -13.01 16.62 -11.24
CA SER E 395 -13.10 16.64 -12.70
C SER E 395 -14.11 15.58 -13.16
N ILE E 396 -14.18 15.38 -14.46
CA ILE E 396 -15.13 14.46 -15.08
C ILE E 396 -14.44 13.71 -16.21
N GLN E 397 -14.99 12.56 -16.56
CA GLN E 397 -14.56 11.80 -17.73
C GLN E 397 -15.81 11.37 -18.48
N PRO E 398 -16.05 11.89 -19.69
CA PRO E 398 -17.27 11.54 -20.40
C PRO E 398 -17.35 10.06 -20.70
N THR E 399 -18.56 9.52 -20.58
CA THR E 399 -18.85 8.12 -20.91
C THR E 399 -19.84 7.98 -22.05
N PHE E 400 -20.84 8.85 -22.12
CA PHE E 400 -21.87 8.81 -23.14
C PHE E 400 -21.68 9.98 -24.11
N SER E 401 -22.09 9.76 -25.36
CA SER E 401 -22.05 10.79 -26.39
C SER E 401 -23.24 11.71 -26.21
N VAL E 402 -23.07 12.72 -25.37
CA VAL E 402 -24.12 13.71 -25.12
C VAL E 402 -23.51 15.11 -25.20
N GLN E 403 -24.36 16.08 -25.53
CA GLN E 403 -23.98 17.48 -25.79
C GLN E 403 -23.64 18.27 -24.51
N ARG E 404 -23.52 17.61 -23.36
CA ARG E 404 -23.29 18.33 -22.11
C ARG E 404 -21.96 19.09 -22.16
N ASN E 405 -21.67 19.77 -21.06
CA ASN E 405 -20.38 20.42 -20.85
C ASN E 405 -19.62 19.64 -19.80
N LEU E 406 -18.34 19.39 -20.05
CA LEU E 406 -17.51 18.65 -19.10
C LEU E 406 -17.02 19.58 -17.99
N PRO E 407 -17.61 19.50 -16.81
CA PRO E 407 -17.22 20.41 -15.73
C PRO E 407 -15.93 19.99 -15.06
N PHE E 408 -15.22 20.99 -14.53
CA PHE E 408 -14.05 20.75 -13.71
C PHE E 408 -13.93 21.88 -12.71
N ASP E 409 -13.21 21.63 -11.62
CA ASP E 409 -13.00 22.62 -10.56
C ASP E 409 -11.79 23.46 -10.92
N ARG E 410 -12.04 24.52 -11.69
CA ARG E 410 -10.96 25.36 -12.22
C ARG E 410 -10.06 25.93 -11.14
N PRO E 411 -10.56 26.56 -10.08
CA PRO E 411 -9.65 27.12 -9.07
C PRO E 411 -8.73 26.09 -8.45
N THR E 412 -9.22 24.88 -8.19
CA THR E 412 -8.40 23.88 -7.51
C THR E 412 -7.34 23.29 -8.45
N ILE E 413 -7.72 23.01 -9.69
CA ILE E 413 -6.78 22.39 -10.62
C ILE E 413 -5.63 23.34 -10.95
N MET E 414 -5.96 24.59 -11.24
CA MET E 414 -4.93 25.58 -11.57
C MET E 414 -4.22 26.13 -10.34
N ALA E 415 -4.74 25.89 -9.14
CA ALA E 415 -4.08 26.36 -7.94
C ALA E 415 -2.71 25.71 -7.77
N ALA E 416 -2.61 24.43 -8.09
CA ALA E 416 -1.35 23.70 -7.94
C ALA E 416 -0.45 23.87 -9.15
N PHE E 417 -0.21 25.12 -9.54
CA PHE E 417 0.60 25.44 -10.70
C PHE E 417 1.46 26.67 -10.46
N MET E 428 5.12 28.63 2.71
CA MET E 428 6.38 29.06 3.33
C MET E 428 6.34 28.87 4.86
N ARG E 429 6.23 29.95 5.60
CA ARG E 429 6.28 29.85 7.06
C ARG E 429 5.01 30.32 7.73
N THR E 430 4.40 31.41 7.24
CA THR E 430 3.12 31.85 7.80
C THR E 430 2.03 30.83 7.52
N GLU E 431 2.06 30.18 6.37
CA GLU E 431 1.07 29.15 6.06
C GLU E 431 1.20 27.97 7.02
N ILE E 432 2.42 27.57 7.33
CA ILE E 432 2.63 26.43 8.22
C ILE E 432 2.09 26.75 9.61
N ILE E 433 2.38 27.94 10.12
CA ILE E 433 1.89 28.32 11.45
C ILE E 433 0.37 28.33 11.47
N ARG E 434 -0.26 28.79 10.39
CA ARG E 434 -1.71 28.79 10.32
C ARG E 434 -2.26 27.37 10.36
N LEU E 435 -1.59 26.42 9.70
CA LEU E 435 -2.06 25.05 9.68
C LEU E 435 -2.07 24.44 11.08
N MET E 436 -1.02 24.69 11.88
CA MET E 436 -0.96 24.06 13.20
C MET E 436 -1.90 24.71 14.19
N GLU E 437 -2.21 25.99 14.03
CA GLU E 437 -3.18 26.63 14.92
C GLU E 437 -4.57 26.02 14.75
N SER E 438 -4.94 25.68 13.52
CA SER E 438 -6.23 25.02 13.32
C SER E 438 -6.28 23.65 13.97
N ALA E 439 -5.16 22.94 13.98
CA ALA E 439 -5.12 21.60 14.56
C ALA E 439 -5.27 21.67 16.07
N ARG E 440 -6.01 20.71 16.63
CA ARG E 440 -6.22 20.61 18.06
C ARG E 440 -5.96 19.19 18.52
N PRO E 441 -5.59 19.01 19.79
CA PRO E 441 -5.29 17.67 20.33
C PRO E 441 -6.55 16.87 20.63
N GLU E 442 -7.51 16.89 19.71
CA GLU E 442 -8.73 16.10 19.81
C GLU E 442 -9.14 15.47 18.50
N ASP E 443 -8.53 15.83 17.37
CA ASP E 443 -8.91 15.27 16.09
C ASP E 443 -8.75 13.76 16.10
N VAL E 444 -9.76 13.06 15.63
CA VAL E 444 -9.71 11.61 15.53
C VAL E 444 -8.96 11.23 14.26
N SER E 445 -7.89 10.46 14.41
CA SER E 445 -7.13 9.94 13.29
C SER E 445 -7.29 8.43 13.23
N PHE E 446 -7.05 7.89 12.03
CA PHE E 446 -7.24 6.46 11.79
C PHE E 446 -8.67 6.05 12.12
N GLN E 447 -9.62 6.82 11.59
CA GLN E 447 -11.03 6.57 11.86
C GLN E 447 -11.43 5.16 11.40
N GLY E 448 -12.13 4.44 12.27
CA GLY E 448 -12.63 3.12 11.94
C GLY E 448 -11.62 2.01 12.04
N ARG E 449 -10.40 2.29 12.45
CA ARG E 449 -9.33 1.30 12.54
C ARG E 449 -9.09 0.98 14.02
N GLY E 450 -9.09 -0.31 14.35
CA GLY E 450 -8.93 -0.71 15.73
C GLY E 450 -7.86 -1.74 15.98
N VAL E 451 -8.03 -2.53 17.02
CA VAL E 451 -7.06 -3.54 17.44
C VAL E 451 -7.74 -4.90 17.37
N PHE E 452 -7.04 -5.88 16.81
CA PHE E 452 -7.61 -7.19 16.59
C PHE E 452 -7.19 -8.15 17.69
N GLU E 453 -7.73 -9.36 17.64
CA GLU E 453 -7.41 -10.42 18.58
C GLU E 453 -6.38 -11.36 17.96
N LEU E 454 -5.61 -12.01 18.85
CA LEU E 454 -4.58 -12.91 18.37
C LEU E 454 -5.17 -14.06 17.56
N SER E 455 -6.40 -14.47 17.87
CA SER E 455 -7.07 -15.51 17.11
C SER E 455 -7.56 -15.04 15.75
N ASP E 456 -7.64 -13.72 15.55
CA ASP E 456 -8.09 -13.14 14.28
C ASP E 456 -6.84 -12.85 13.45
N GLU E 457 -6.41 -13.84 12.68
CA GLU E 457 -5.20 -13.70 11.88
C GLU E 457 -5.43 -12.93 10.59
N LYS E 458 -6.67 -12.72 10.18
CA LYS E 458 -6.96 -12.08 8.90
C LYS E 458 -7.40 -10.63 9.04
N ALA E 459 -7.35 -10.06 10.25
CA ALA E 459 -7.70 -8.65 10.45
C ALA E 459 -9.12 -8.37 9.97
N THR E 460 -10.07 -9.17 10.43
CA THR E 460 -11.45 -9.04 9.97
C THR E 460 -12.25 -8.06 10.83
N SER E 461 -12.24 -8.22 12.15
CA SER E 461 -13.07 -7.42 13.03
C SER E 461 -12.21 -6.51 13.91
N PRO E 462 -12.08 -5.23 13.56
CA PRO E 462 -11.34 -4.31 14.44
C PRO E 462 -12.10 -4.04 15.73
N ILE E 463 -11.34 -3.72 16.77
CA ILE E 463 -11.90 -3.41 18.08
C ILE E 463 -11.45 -1.99 18.43
N VAL E 464 -12.32 -1.02 18.16
CA VAL E 464 -12.00 0.38 18.38
C VAL E 464 -11.99 0.67 19.88
N PRO E 465 -10.92 1.25 20.42
CA PRO E 465 -10.85 1.51 21.85
C PRO E 465 -11.53 2.82 22.23
N SER E 466 -11.95 2.87 23.49
CA SER E 466 -12.47 4.09 24.10
C SER E 466 -11.57 4.49 25.25
N PHE E 467 -11.06 5.71 25.21
CA PHE E 467 -10.13 6.18 26.22
C PHE E 467 -10.77 7.26 27.10
N GLU E 472 -3.40 8.06 33.39
CA GLU E 472 -4.10 8.95 32.44
C GLU E 472 -3.09 9.59 31.48
N GLY E 473 -1.79 9.55 31.83
CA GLY E 473 -0.78 10.13 30.99
C GLY E 473 -0.66 9.43 29.66
N SER E 474 -0.11 10.15 28.69
CA SER E 474 0.07 9.61 27.35
C SER E 474 1.47 9.83 26.78
N TYR E 475 2.41 10.32 27.57
CA TYR E 475 3.77 10.58 27.11
C TYR E 475 4.72 9.66 27.86
N PHE E 476 5.45 8.81 27.12
CA PHE E 476 6.41 7.92 27.75
C PHE E 476 7.55 8.72 28.39
N PHE E 477 8.15 9.62 27.64
CA PHE E 477 9.23 10.48 28.13
C PHE E 477 8.69 11.83 28.60
N GLY E 478 7.77 11.82 29.55
CA GLY E 478 7.16 13.05 30.03
C GLY E 478 7.56 13.41 31.44
N THR F 3 -17.23 4.42 -45.69
CA THR F 3 -18.48 3.70 -45.53
C THR F 3 -18.85 2.97 -46.82
N ASP F 4 -19.86 2.10 -46.73
CA ASP F 4 -20.33 1.31 -47.86
C ASP F 4 -19.32 0.19 -48.14
N GLY F 5 -18.20 0.24 -47.43
CA GLY F 5 -17.23 -0.84 -47.43
C GLY F 5 -16.97 -1.28 -46.01
N GLU F 6 -17.22 -0.39 -45.07
CA GLU F 6 -17.10 -0.71 -43.65
C GLU F 6 -18.39 -1.31 -43.09
N ARG F 7 -19.47 -1.32 -43.87
CA ARG F 7 -20.65 -2.08 -43.47
C ARG F 7 -20.31 -3.56 -43.29
N GLN F 8 -19.56 -4.13 -44.24
CA GLN F 8 -19.13 -5.52 -44.09
C GLN F 8 -18.20 -5.68 -42.89
N ASN F 9 -17.28 -4.75 -42.71
CA ASN F 9 -16.39 -4.82 -41.56
C ASN F 9 -17.15 -4.73 -40.26
N ALA F 10 -18.12 -3.81 -40.18
CA ALA F 10 -18.92 -3.69 -38.96
C ALA F 10 -19.73 -4.95 -38.68
N THR F 11 -20.33 -5.53 -39.73
CA THR F 11 -21.10 -6.75 -39.54
C THR F 11 -20.19 -7.90 -39.09
N GLU F 12 -18.98 -7.96 -39.63
CA GLU F 12 -18.04 -8.99 -39.20
C GLU F 12 -17.69 -8.84 -37.73
N ILE F 13 -17.40 -7.61 -37.29
CA ILE F 13 -17.04 -7.39 -35.88
C ILE F 13 -18.20 -7.75 -34.97
N ARG F 14 -19.42 -7.45 -35.39
CA ARG F 14 -20.59 -7.75 -34.56
C ARG F 14 -20.72 -9.24 -34.31
N ALA F 15 -20.51 -10.06 -35.34
CA ALA F 15 -20.61 -11.50 -35.18
C ALA F 15 -19.53 -12.03 -34.22
N SER F 16 -18.32 -11.48 -34.32
CA SER F 16 -17.24 -11.95 -33.46
C SER F 16 -17.51 -11.64 -31.99
N VAL F 17 -18.07 -10.45 -31.73
CA VAL F 17 -18.44 -10.11 -30.35
C VAL F 17 -19.61 -10.96 -29.89
N GLY F 18 -20.58 -11.22 -30.77
CA GLY F 18 -21.70 -12.06 -30.40
C GLY F 18 -21.26 -13.47 -30.05
N LYS F 19 -20.27 -14.00 -30.78
CA LYS F 19 -19.75 -15.32 -30.45
C LYS F 19 -19.07 -15.34 -29.10
N MET F 20 -18.41 -14.24 -28.73
CA MET F 20 -17.83 -14.14 -27.39
C MET F 20 -18.91 -14.15 -26.31
N ILE F 21 -19.98 -13.37 -26.52
CA ILE F 21 -21.06 -13.32 -25.55
C ILE F 21 -21.77 -14.67 -25.48
N ASP F 22 -21.95 -15.32 -26.63
CA ASP F 22 -22.55 -16.65 -26.63
C ASP F 22 -21.73 -17.63 -25.82
N GLY F 23 -20.40 -17.57 -25.96
CA GLY F 23 -19.55 -18.40 -25.13
C GLY F 23 -19.71 -18.11 -23.65
N ILE F 24 -19.77 -16.82 -23.31
CA ILE F 24 -19.98 -16.43 -21.90
C ILE F 24 -21.31 -16.95 -21.40
N GLY F 25 -22.37 -16.78 -22.20
CA GLY F 25 -23.67 -17.28 -21.80
C GLY F 25 -23.74 -18.80 -21.75
N ARG F 26 -23.18 -19.46 -22.76
CA ARG F 26 -23.20 -20.92 -22.77
C ARG F 26 -22.44 -21.49 -21.59
N PHE F 27 -21.29 -20.90 -21.26
CA PHE F 27 -20.50 -21.42 -20.16
C PHE F 27 -21.22 -21.22 -18.83
N TYR F 28 -21.86 -20.07 -18.64
CA TYR F 28 -22.60 -19.82 -17.41
C TYR F 28 -23.75 -20.82 -17.25
N ILE F 29 -24.44 -21.12 -18.34
CA ILE F 29 -25.54 -22.09 -18.29
C ILE F 29 -25.02 -23.44 -17.81
N GLN F 30 -23.90 -23.88 -18.37
CA GLN F 30 -23.33 -25.17 -17.98
C GLN F 30 -22.91 -25.18 -16.53
N MET F 31 -22.26 -24.11 -16.07
CA MET F 31 -21.78 -24.07 -14.69
C MET F 31 -22.95 -23.97 -13.72
N CYS F 32 -24.02 -23.28 -14.10
CA CYS F 32 -25.22 -23.26 -13.28
C CYS F 32 -25.84 -24.64 -13.18
N THR F 33 -25.97 -25.34 -14.32
CA THR F 33 -26.47 -26.71 -14.33
C THR F 33 -25.52 -27.67 -13.62
N GLU F 34 -24.24 -27.35 -13.57
CA GLU F 34 -23.24 -28.23 -12.98
C GLU F 34 -22.96 -27.90 -11.53
N LEU F 35 -23.24 -26.67 -11.10
CA LEU F 35 -23.28 -26.33 -9.69
C LEU F 35 -24.66 -26.56 -9.07
N LYS F 36 -25.65 -26.93 -9.87
CA LYS F 36 -27.01 -27.21 -9.39
C LYS F 36 -27.59 -25.97 -8.71
N LEU F 37 -27.76 -24.91 -9.50
CA LEU F 37 -28.33 -23.66 -9.03
C LEU F 37 -29.71 -23.49 -9.65
N SER F 38 -30.68 -23.09 -8.83
CA SER F 38 -32.05 -22.91 -9.29
C SER F 38 -32.14 -21.62 -10.12
N ASP F 39 -33.33 -21.33 -10.63
CA ASP F 39 -33.49 -20.15 -11.47
C ASP F 39 -33.22 -18.87 -10.68
N TYR F 40 -33.73 -18.81 -9.45
CA TYR F 40 -33.47 -17.63 -8.62
C TYR F 40 -31.99 -17.50 -8.28
N GLU F 41 -31.38 -18.58 -7.80
CA GLU F 41 -29.99 -18.49 -7.37
C GLU F 41 -29.06 -18.21 -8.55
N GLY F 42 -29.40 -18.73 -9.73
CA GLY F 42 -28.58 -18.46 -10.90
C GLY F 42 -28.57 -16.99 -11.27
N ARG F 43 -29.68 -16.30 -11.01
CA ARG F 43 -29.80 -14.89 -11.34
C ARG F 43 -29.24 -13.97 -10.26
N LEU F 44 -28.73 -14.53 -9.16
CA LEU F 44 -28.11 -13.71 -8.12
C LEU F 44 -26.79 -13.15 -8.62
N ILE F 45 -26.58 -11.86 -8.40
CA ILE F 45 -25.34 -11.23 -8.86
C ILE F 45 -24.14 -11.76 -8.09
N GLN F 46 -24.34 -12.12 -6.82
CA GLN F 46 -23.25 -12.68 -6.04
C GLN F 46 -22.78 -14.01 -6.61
N ASN F 47 -23.71 -14.86 -7.03
CA ASN F 47 -23.33 -16.12 -7.65
C ASN F 47 -22.59 -15.90 -8.96
N SER F 48 -23.05 -14.94 -9.76
CA SER F 48 -22.41 -14.68 -11.05
C SER F 48 -20.97 -14.22 -10.87
N LEU F 49 -20.73 -13.35 -9.88
CA LEU F 49 -19.37 -12.91 -9.62
C LEU F 49 -18.48 -14.08 -9.21
N THR F 50 -18.98 -14.95 -8.33
CA THR F 50 -18.18 -16.09 -7.90
C THR F 50 -17.82 -16.99 -9.08
N ILE F 51 -18.79 -17.27 -9.96
CA ILE F 51 -18.52 -18.09 -11.13
C ILE F 51 -17.51 -17.39 -12.04
N GLU F 52 -17.68 -16.08 -12.24
CA GLU F 52 -16.74 -15.35 -13.08
C GLU F 52 -15.34 -15.38 -12.50
N ARG F 53 -15.23 -15.15 -11.18
CA ARG F 53 -13.91 -15.14 -10.55
C ARG F 53 -13.25 -16.50 -10.60
N MET F 54 -14.04 -17.58 -10.57
CA MET F 54 -13.46 -18.92 -10.68
C MET F 54 -12.80 -19.12 -12.03
N VAL F 55 -13.43 -18.66 -13.11
CA VAL F 55 -12.87 -18.84 -14.44
C VAL F 55 -11.60 -18.02 -14.60
N LEU F 56 -11.63 -16.77 -14.15
CA LEU F 56 -10.47 -15.89 -14.31
C LEU F 56 -9.26 -16.46 -13.59
N SER F 57 -9.44 -17.00 -12.39
CA SER F 57 -8.34 -17.62 -11.68
C SER F 57 -7.93 -18.96 -12.28
N ALA F 58 -8.86 -19.67 -12.91
CA ALA F 58 -8.52 -20.93 -13.55
C ALA F 58 -7.60 -20.74 -14.74
N PHE F 59 -7.64 -19.57 -15.37
CA PHE F 59 -6.82 -19.27 -16.54
C PHE F 59 -5.64 -18.37 -16.21
N ASP F 60 -5.33 -18.17 -14.93
CA ASP F 60 -4.19 -17.35 -14.52
C ASP F 60 -2.96 -18.26 -14.47
N GLU F 61 -2.30 -18.39 -15.61
CA GLU F 61 -1.16 -19.31 -15.70
C GLU F 61 -0.04 -18.90 -14.74
N ARG F 62 0.29 -17.61 -14.69
CA ARG F 62 1.41 -17.17 -13.87
C ARG F 62 1.14 -17.39 -12.39
N ARG F 63 -0.02 -16.96 -11.89
CA ARG F 63 -0.32 -17.14 -10.47
C ARG F 63 -0.47 -18.61 -10.13
N ASN F 64 -1.08 -19.39 -11.03
CA ASN F 64 -1.19 -20.83 -10.80
C ASN F 64 0.19 -21.47 -10.71
N LYS F 65 1.10 -21.07 -11.59
CA LYS F 65 2.46 -21.60 -11.53
C LYS F 65 3.12 -21.26 -10.20
N TYR F 66 2.98 -20.02 -9.75
CA TYR F 66 3.59 -19.62 -8.49
C TYR F 66 2.96 -20.37 -7.32
N LEU F 67 1.64 -20.59 -7.37
CA LEU F 67 0.98 -21.36 -6.33
C LEU F 67 1.50 -22.80 -6.29
N GLU F 68 1.74 -23.39 -7.46
CA GLU F 68 2.33 -24.72 -7.51
C GLU F 68 3.71 -24.73 -6.88
N GLU F 69 4.58 -23.82 -7.31
CA GLU F 69 5.96 -23.80 -6.82
C GLU F 69 6.01 -23.49 -5.33
N HIS F 70 5.22 -22.53 -4.87
CA HIS F 70 5.23 -22.07 -3.49
C HIS F 70 3.82 -22.16 -2.93
N PRO F 71 3.38 -23.36 -2.55
CA PRO F 71 1.98 -23.53 -2.16
C PRO F 71 1.61 -22.72 -0.94
N SER F 72 0.36 -22.28 -0.91
CA SER F 72 -0.16 -21.52 0.22
C SER F 72 -0.50 -22.47 1.35
N ALA F 73 -0.92 -21.93 2.49
CA ALA F 73 -1.17 -22.72 3.68
C ALA F 73 -2.64 -23.13 3.71
N GLY F 74 -2.89 -24.44 3.65
CA GLY F 74 -4.23 -24.97 3.69
C GLY F 74 -4.98 -24.91 2.38
N LYS F 75 -4.37 -24.39 1.32
CA LYS F 75 -5.02 -24.28 0.02
C LYS F 75 -4.12 -24.92 -1.02
N ASP F 76 -4.61 -25.97 -1.67
CA ASP F 76 -3.85 -26.56 -2.77
C ASP F 76 -3.93 -25.64 -3.99
N PRO F 77 -2.84 -25.49 -4.74
CA PRO F 77 -2.83 -24.56 -5.87
C PRO F 77 -3.54 -25.06 -7.12
N LYS F 78 -4.15 -26.23 -7.09
CA LYS F 78 -4.85 -26.78 -8.24
C LYS F 78 -6.36 -26.65 -8.15
N LYS F 79 -6.87 -26.03 -7.09
CA LYS F 79 -8.31 -25.94 -6.87
C LYS F 79 -8.69 -24.49 -6.60
N THR F 80 -9.83 -24.08 -7.18
CA THR F 80 -10.35 -22.73 -7.03
C THR F 80 -11.81 -22.82 -6.60
N GLY F 81 -12.39 -21.66 -6.29
CA GLY F 81 -13.78 -21.63 -5.88
C GLY F 81 -14.14 -20.28 -5.29
N GLY F 82 -15.27 -20.25 -4.61
CA GLY F 82 -15.76 -19.04 -4.00
C GLY F 82 -17.09 -19.24 -3.31
N PRO F 83 -17.63 -18.16 -2.73
CA PRO F 83 -18.91 -18.25 -2.00
C PRO F 83 -20.06 -18.46 -2.97
N ILE F 84 -20.79 -19.56 -2.79
CA ILE F 84 -22.00 -19.86 -3.56
C ILE F 84 -23.18 -19.77 -2.60
N TYR F 85 -24.14 -18.92 -2.92
CA TYR F 85 -25.26 -18.65 -2.04
C TYR F 85 -26.48 -19.42 -2.54
N ARG F 86 -27.02 -20.27 -1.69
CA ARG F 86 -28.15 -21.12 -2.01
C ARG F 86 -29.31 -20.80 -1.10
N ARG F 87 -30.49 -20.64 -1.68
CA ARG F 87 -31.71 -20.37 -0.93
C ARG F 87 -32.55 -21.63 -0.86
N VAL F 88 -32.61 -22.24 0.32
CA VAL F 88 -33.53 -23.34 0.58
C VAL F 88 -34.26 -23.04 1.89
N ASP F 89 -35.59 -23.13 1.85
CA ASP F 89 -36.43 -22.86 3.01
C ASP F 89 -36.38 -21.36 3.33
N GLY F 90 -36.44 -20.55 2.29
CA GLY F 90 -36.60 -19.12 2.46
C GLY F 90 -35.35 -18.36 2.84
N LYS F 91 -34.44 -19.01 3.55
CA LYS F 91 -33.24 -18.36 4.07
C LYS F 91 -32.05 -18.59 3.14
N TRP F 92 -31.06 -17.72 3.27
CA TRP F 92 -29.85 -17.78 2.47
C TRP F 92 -28.69 -18.33 3.29
N ARG F 93 -27.88 -19.18 2.66
CA ARG F 93 -26.66 -19.68 3.26
C ARG F 93 -25.54 -19.70 2.23
N ARG F 94 -24.32 -19.57 2.72
CA ARG F 94 -23.13 -19.51 1.87
C ARG F 94 -22.24 -20.72 2.16
N GLU F 95 -21.83 -21.41 1.10
CA GLU F 95 -20.92 -22.54 1.22
C GLU F 95 -19.81 -22.37 0.18
N LEU F 96 -18.58 -22.58 0.61
CA LEU F 96 -17.44 -22.45 -0.29
C LEU F 96 -17.39 -23.67 -1.21
N ILE F 97 -17.33 -23.41 -2.50
CA ILE F 97 -17.21 -24.45 -3.51
C ILE F 97 -15.76 -24.51 -3.97
N LEU F 98 -15.20 -25.72 -4.00
CA LEU F 98 -13.85 -25.96 -4.47
C LEU F 98 -13.92 -26.70 -5.79
N TYR F 99 -13.17 -26.23 -6.77
CA TYR F 99 -13.21 -26.80 -8.12
C TYR F 99 -11.82 -26.87 -8.69
N ASP F 100 -11.53 -27.92 -9.44
CA ASP F 100 -10.28 -28.01 -10.16
C ASP F 100 -10.22 -26.91 -11.22
N LYS F 101 -9.07 -26.23 -11.28
CA LYS F 101 -8.91 -25.19 -12.29
C LYS F 101 -8.90 -25.78 -13.69
N GLU F 102 -8.46 -27.04 -13.82
CA GLU F 102 -8.47 -27.69 -15.13
C GLU F 102 -9.89 -28.07 -15.53
N GLU F 103 -10.71 -28.50 -14.58
CA GLU F 103 -12.11 -28.80 -14.89
C GLU F 103 -12.85 -27.54 -15.32
N ILE F 104 -12.61 -26.43 -14.62
CA ILE F 104 -13.20 -25.15 -15.03
C ILE F 104 -12.74 -24.79 -16.43
N ARG F 105 -11.45 -24.98 -16.71
CA ARG F 105 -10.91 -24.65 -18.02
C ARG F 105 -11.59 -25.46 -19.12
N ARG F 106 -11.78 -26.76 -18.88
CA ARG F 106 -12.41 -27.61 -19.89
C ARG F 106 -13.84 -27.18 -20.15
N ILE F 107 -14.58 -26.83 -19.10
CA ILE F 107 -15.96 -26.39 -19.25
C ILE F 107 -16.01 -25.09 -20.07
N TRP F 108 -15.13 -24.15 -19.76
CA TRP F 108 -15.08 -22.89 -20.51
C TRP F 108 -14.70 -23.15 -21.96
N ARG F 109 -13.67 -23.97 -22.20
CA ARG F 109 -13.23 -24.22 -23.56
C ARG F 109 -14.30 -24.94 -24.36
N GLN F 110 -14.99 -25.90 -23.76
CA GLN F 110 -16.03 -26.62 -24.47
C GLN F 110 -17.19 -25.69 -24.83
N ALA F 111 -17.52 -24.75 -23.96
CA ALA F 111 -18.56 -23.78 -24.25
C ALA F 111 -18.18 -22.84 -25.39
N ASN F 112 -16.90 -22.70 -25.69
CA ASN F 112 -16.43 -21.87 -26.80
C ASN F 112 -15.98 -22.71 -27.98
N ASN F 113 -16.55 -23.90 -28.14
CA ASN F 113 -16.22 -24.80 -29.25
C ASN F 113 -14.74 -25.16 -29.24
N GLY F 114 -14.20 -25.41 -28.05
CA GLY F 114 -12.84 -25.89 -27.91
C GLY F 114 -11.76 -24.85 -28.05
N ASP F 115 -12.12 -23.58 -28.21
CA ASP F 115 -11.16 -22.51 -28.38
C ASP F 115 -10.94 -21.81 -27.04
N ASP F 116 -9.74 -21.26 -26.85
CA ASP F 116 -9.42 -20.60 -25.60
C ASP F 116 -10.38 -19.45 -25.33
N ALA F 117 -10.67 -18.65 -26.35
CA ALA F 117 -11.58 -17.52 -26.23
C ALA F 117 -11.15 -16.61 -25.08
N THR F 118 -9.96 -16.02 -25.25
CA THR F 118 -9.46 -15.06 -24.27
C THR F 118 -10.25 -13.76 -24.25
N ALA F 119 -11.06 -13.50 -25.28
CA ALA F 119 -11.88 -12.30 -25.28
C ALA F 119 -12.94 -12.35 -24.18
N GLY F 120 -13.55 -13.51 -23.98
CA GLY F 120 -14.56 -13.62 -22.95
C GLY F 120 -14.00 -13.36 -21.55
N LEU F 121 -12.82 -13.89 -21.28
CA LEU F 121 -12.20 -13.67 -19.97
C LEU F 121 -11.90 -12.19 -19.74
N THR F 122 -11.36 -11.51 -20.77
CA THR F 122 -11.09 -10.08 -20.62
C THR F 122 -12.39 -9.29 -20.47
N HIS F 123 -13.46 -9.70 -21.15
CA HIS F 123 -14.74 -9.04 -21.00
C HIS F 123 -15.23 -9.10 -19.56
N MET F 124 -15.10 -10.26 -18.93
CA MET F 124 -15.46 -10.39 -17.52
C MET F 124 -14.53 -9.56 -16.64
N MET F 125 -13.24 -9.47 -17.02
CA MET F 125 -12.30 -8.67 -16.24
C MET F 125 -12.67 -7.20 -16.29
N ILE F 126 -13.14 -6.71 -17.43
CA ILE F 126 -13.55 -5.32 -17.54
C ILE F 126 -14.80 -5.07 -16.72
N TRP F 127 -15.71 -6.05 -16.67
CA TRP F 127 -16.91 -5.90 -15.86
C TRP F 127 -16.57 -5.77 -14.38
N HIS F 128 -15.62 -6.56 -13.91
CA HIS F 128 -15.20 -6.47 -12.51
C HIS F 128 -14.55 -5.13 -12.22
N SER F 129 -13.70 -4.65 -13.13
CA SER F 129 -13.07 -3.35 -12.94
C SER F 129 -14.12 -2.23 -12.88
N ASN F 130 -15.11 -2.29 -13.77
CA ASN F 130 -16.18 -1.29 -13.75
C ASN F 130 -16.92 -1.31 -12.42
N LEU F 131 -17.20 -2.50 -11.90
CA LEU F 131 -17.88 -2.61 -10.62
C LEU F 131 -17.01 -2.07 -9.49
N ASN F 132 -15.71 -2.38 -9.51
CA ASN F 132 -14.81 -1.88 -8.47
C ASN F 132 -14.68 -0.37 -8.54
N ASP F 133 -14.61 0.19 -9.76
CA ASP F 133 -14.46 1.63 -9.90
C ASP F 133 -15.68 2.37 -9.35
N ALA F 134 -16.88 1.84 -9.55
CA ALA F 134 -18.08 2.51 -9.08
C ALA F 134 -18.27 2.34 -7.57
N THR F 135 -17.70 1.28 -6.99
CA THR F 135 -17.93 0.96 -5.58
C THR F 135 -16.82 1.50 -4.67
N TYR F 136 -15.57 1.25 -5.02
CA TYR F 136 -14.45 1.56 -4.13
C TYR F 136 -13.55 2.61 -4.77
N GLN F 137 -13.06 3.53 -3.95
CA GLN F 137 -12.20 4.62 -4.38
C GLN F 137 -10.82 4.42 -3.79
N ARG F 138 -9.81 4.28 -4.64
CA ARG F 138 -8.46 3.90 -4.20
C ARG F 138 -7.57 5.12 -4.14
N THR F 139 -7.77 5.92 -3.09
CA THR F 139 -6.85 7.01 -2.80
C THR F 139 -5.57 6.53 -2.13
N ARG F 140 -5.61 5.35 -1.50
CA ARG F 140 -4.42 4.81 -0.85
C ARG F 140 -3.32 4.54 -1.85
N ALA F 141 -3.67 3.96 -3.01
CA ALA F 141 -2.67 3.75 -4.04
C ALA F 141 -2.19 5.07 -4.64
N LEU F 142 -3.08 6.04 -4.77
CA LEU F 142 -2.69 7.35 -5.29
C LEU F 142 -1.75 8.06 -4.32
N VAL F 143 -2.05 8.03 -3.03
CA VAL F 143 -1.18 8.66 -2.04
C VAL F 143 0.11 7.88 -1.89
N ARG F 144 0.04 6.54 -1.97
CA ARG F 144 1.23 5.72 -1.80
C ARG F 144 2.24 5.97 -2.92
N THR F 145 1.76 6.15 -4.15
CA THR F 145 2.65 6.37 -5.28
C THR F 145 3.09 7.82 -5.42
N GLY F 146 2.56 8.72 -4.60
CA GLY F 146 2.93 10.12 -4.64
C GLY F 146 2.03 11.02 -5.46
N MET F 147 0.95 10.48 -6.01
CA MET F 147 0.00 11.27 -6.77
C MET F 147 -1.06 11.87 -5.86
N ASP F 148 -1.54 13.05 -6.23
CA ASP F 148 -2.56 13.71 -5.44
C ASP F 148 -3.87 12.92 -5.51
N PRO F 149 -4.48 12.60 -4.38
CA PRO F 149 -5.71 11.79 -4.40
C PRO F 149 -6.89 12.48 -5.06
N ARG F 150 -6.76 13.73 -5.49
CA ARG F 150 -7.89 14.43 -6.10
C ARG F 150 -8.19 13.97 -7.51
N MET F 151 -7.23 13.35 -8.21
CA MET F 151 -7.48 12.85 -9.55
C MET F 151 -7.99 11.41 -9.49
N CYS F 152 -9.20 11.28 -8.96
CA CYS F 152 -9.90 10.01 -8.91
C CYS F 152 -10.75 9.76 -10.16
N SER F 153 -10.89 10.76 -11.02
CA SER F 153 -11.61 10.60 -12.28
C SER F 153 -10.77 9.93 -13.35
N LEU F 154 -9.45 9.84 -13.16
CA LEU F 154 -8.55 9.25 -14.13
C LEU F 154 -8.15 7.82 -13.77
N MET F 155 -8.73 7.27 -12.71
CA MET F 155 -8.39 5.93 -12.24
C MET F 155 -9.24 4.85 -12.88
N GLN F 156 -9.79 5.12 -14.06
CA GLN F 156 -10.64 4.14 -14.73
C GLN F 156 -9.86 2.87 -15.03
N GLY F 157 -10.39 1.74 -14.59
CA GLY F 157 -9.73 0.47 -14.82
C GLY F 157 -8.40 0.33 -14.10
N SER F 158 -8.29 0.87 -12.89
CA SER F 158 -7.05 0.72 -12.13
C SER F 158 -6.89 -0.66 -11.52
N THR F 159 -7.99 -1.40 -11.37
CA THR F 159 -7.94 -2.74 -10.78
C THR F 159 -7.78 -3.84 -11.82
N LEU F 160 -7.70 -3.50 -13.10
CA LEU F 160 -7.57 -4.50 -14.13
C LEU F 160 -6.21 -5.18 -14.04
N PRO F 161 -6.15 -6.51 -14.07
CA PRO F 161 -4.84 -7.20 -14.09
C PRO F 161 -4.13 -6.98 -15.42
N ARG F 162 -2.81 -7.18 -15.40
CA ARG F 162 -2.02 -7.01 -16.60
C ARG F 162 -2.34 -8.02 -17.68
N ARG F 163 -3.07 -9.09 -17.35
CA ARG F 163 -3.43 -10.09 -18.34
C ARG F 163 -4.31 -9.52 -19.45
N SER F 164 -5.08 -8.48 -19.17
CA SER F 164 -5.94 -7.86 -20.17
C SER F 164 -5.12 -6.86 -20.97
N GLY F 165 -4.50 -7.33 -22.04
CA GLY F 165 -3.73 -6.48 -22.92
C GLY F 165 -4.58 -6.00 -24.08
N ALA F 166 -4.15 -4.90 -24.70
CA ALA F 166 -4.91 -4.33 -25.80
C ALA F 166 -6.30 -3.93 -25.34
N ALA F 167 -7.20 -4.92 -25.26
CA ALA F 167 -8.57 -4.63 -24.83
C ALA F 167 -8.58 -3.98 -23.45
N GLY F 168 -7.81 -4.51 -22.51
CA GLY F 168 -7.74 -3.93 -21.18
C GLY F 168 -7.16 -2.53 -21.18
N ALA F 169 -6.09 -2.33 -21.94
CA ALA F 169 -5.44 -1.02 -21.97
C ALA F 169 -6.32 0.03 -22.62
N ALA F 170 -7.15 -0.36 -23.59
CA ALA F 170 -8.04 0.60 -24.24
C ALA F 170 -9.04 1.19 -23.25
N VAL F 171 -9.56 0.37 -22.34
CA VAL F 171 -10.59 0.83 -21.43
C VAL F 171 -10.05 1.52 -20.19
N LYS F 172 -8.75 1.36 -19.90
CA LYS F 172 -8.17 1.95 -18.71
C LYS F 172 -7.79 3.41 -18.96
N GLY F 173 -7.68 4.16 -17.86
CA GLY F 173 -7.59 5.61 -17.93
C GLY F 173 -6.16 6.11 -17.77
N VAL F 174 -6.02 7.43 -17.93
CA VAL F 174 -4.71 8.06 -17.87
C VAL F 174 -4.08 7.87 -16.49
N GLY F 175 -4.88 8.04 -15.43
CA GLY F 175 -4.35 7.89 -14.09
C GLY F 175 -3.78 6.52 -13.83
N THR F 176 -4.47 5.47 -14.31
CA THR F 176 -3.96 4.13 -14.16
C THR F 176 -2.67 3.93 -14.95
N MET F 177 -2.63 4.46 -16.17
CA MET F 177 -1.41 4.35 -16.98
C MET F 177 -0.25 5.09 -16.31
N VAL F 178 -0.50 6.28 -15.80
CA VAL F 178 0.55 7.03 -15.12
C VAL F 178 1.03 6.29 -13.88
N MET F 179 0.08 5.75 -13.09
CA MET F 179 0.46 5.04 -11.87
C MET F 179 1.32 3.83 -12.20
N GLU F 180 1.02 3.13 -13.30
CA GLU F 180 1.84 2.00 -13.71
C GLU F 180 3.27 2.45 -14.03
N LEU F 181 3.39 3.55 -14.78
CA LEU F 181 4.70 4.08 -15.10
C LEU F 181 5.43 4.54 -13.85
N ILE F 182 4.72 5.20 -12.94
CA ILE F 182 5.35 5.71 -11.72
C ILE F 182 5.90 4.56 -10.89
N ARG F 183 5.19 3.44 -10.83
CA ARG F 183 5.72 2.28 -10.13
C ARG F 183 7.00 1.78 -10.78
N MET F 184 7.05 1.78 -12.12
CA MET F 184 8.27 1.41 -12.81
C MET F 184 9.41 2.35 -12.46
N ILE F 185 9.14 3.65 -12.43
CA ILE F 185 10.18 4.61 -12.08
C ILE F 185 10.63 4.41 -10.64
N LYS F 186 9.68 4.19 -9.73
CA LYS F 186 10.05 3.97 -8.33
C LYS F 186 10.90 2.71 -8.18
N ARG F 187 10.54 1.65 -8.88
CA ARG F 187 11.36 0.43 -8.84
C ARG F 187 12.75 0.68 -9.40
N GLY F 188 12.83 1.43 -10.50
CA GLY F 188 14.13 1.71 -11.10
C GLY F 188 15.01 2.55 -10.21
N ILE F 189 14.43 3.55 -9.54
CA ILE F 189 15.21 4.41 -8.66
C ILE F 189 15.74 3.61 -7.47
N ASN F 190 14.90 2.75 -6.89
CA ASN F 190 15.32 1.98 -5.73
C ASN F 190 16.38 0.95 -6.10
N ASP F 191 16.19 0.23 -7.21
CA ASP F 191 17.08 -0.85 -7.62
C ASP F 191 17.96 -0.35 -8.76
N ARG F 192 19.26 -0.28 -8.53
CA ARG F 192 20.18 0.18 -9.56
C ARG F 192 20.29 -0.82 -10.70
N ASN F 193 20.11 -2.11 -10.43
CA ASN F 193 20.14 -3.10 -11.49
C ASN F 193 18.91 -3.04 -12.39
N PHE F 194 17.89 -2.30 -12.01
CA PHE F 194 16.74 -2.08 -12.89
C PHE F 194 17.18 -1.36 -14.15
N TRP F 195 16.54 -1.70 -15.26
CA TRP F 195 16.87 -1.14 -16.58
C TRP F 195 18.18 -1.68 -17.12
N ARG F 196 18.75 -2.70 -16.50
CA ARG F 196 20.04 -3.23 -16.91
C ARG F 196 19.97 -4.75 -16.90
N GLY F 197 20.70 -5.37 -17.82
CA GLY F 197 20.66 -6.80 -17.97
C GLY F 197 19.60 -7.23 -18.96
N GLU F 198 19.45 -8.55 -19.06
CA GLU F 198 18.46 -9.10 -19.98
C GLU F 198 17.04 -8.73 -19.55
N ASN F 199 16.76 -8.81 -18.25
CA ASN F 199 15.43 -8.46 -17.78
C ASN F 199 15.17 -6.95 -17.90
N GLY F 200 16.20 -6.14 -17.77
CA GLY F 200 16.02 -4.71 -17.99
C GLY F 200 15.57 -4.42 -19.41
N ARG F 201 16.10 -5.15 -20.37
CA ARG F 201 15.65 -4.97 -21.76
C ARG F 201 14.17 -5.31 -21.89
N ARG F 202 13.72 -6.39 -21.26
CA ARG F 202 12.31 -6.74 -21.28
C ARG F 202 11.48 -5.65 -20.60
N THR F 203 11.97 -5.13 -19.48
CA THR F 203 11.28 -4.03 -18.81
C THR F 203 11.25 -2.79 -19.68
N ARG F 204 12.35 -2.52 -20.40
CA ARG F 204 12.39 -1.35 -21.26
C ARG F 204 11.34 -1.43 -22.36
N ILE F 205 11.17 -2.60 -22.98
CA ILE F 205 10.17 -2.73 -24.02
C ILE F 205 8.77 -2.57 -23.43
N ALA F 206 8.55 -3.08 -22.21
CA ALA F 206 7.27 -2.86 -21.55
C ALA F 206 7.06 -1.39 -21.23
N TYR F 207 8.10 -0.72 -20.75
CA TYR F 207 7.98 0.71 -20.46
C TYR F 207 7.68 1.49 -21.72
N GLU F 208 8.34 1.15 -22.83
CA GLU F 208 8.09 1.84 -24.09
C GLU F 208 6.66 1.61 -24.57
N ARG F 209 6.21 0.35 -24.53
CA ARG F 209 4.90 0.02 -25.08
C ARG F 209 3.78 0.69 -24.27
N MET F 210 3.89 0.66 -22.94
CA MET F 210 2.88 1.29 -22.11
C MET F 210 2.93 2.81 -22.21
N CYS F 211 4.10 3.37 -22.52
CA CYS F 211 4.18 4.80 -22.82
C CYS F 211 3.50 5.13 -24.14
N ASN F 212 3.63 4.23 -25.12
CA ASN F 212 3.01 4.47 -26.43
C ASN F 212 1.50 4.50 -26.32
N ILE F 213 0.91 3.57 -25.56
CA ILE F 213 -0.54 3.56 -25.39
C ILE F 213 -1.00 4.79 -24.62
N LEU F 214 -0.20 5.25 -23.66
CA LEU F 214 -0.54 6.50 -22.97
C LEU F 214 -0.49 7.68 -23.92
N LYS F 215 0.50 7.70 -24.82
CA LYS F 215 0.59 8.79 -25.80
C LYS F 215 -0.62 8.79 -26.72
N GLY F 216 -1.05 7.62 -27.19
CA GLY F 216 -2.24 7.54 -28.00
C GLY F 216 -3.51 7.87 -27.26
N LYS F 217 -3.48 7.79 -25.93
CA LYS F 217 -4.65 8.14 -25.14
C LYS F 217 -4.87 9.65 -25.12
N PHE F 218 -3.82 10.42 -25.35
CA PHE F 218 -3.92 11.87 -25.27
C PHE F 218 -4.41 12.44 -26.60
N GLN F 219 -4.84 13.70 -26.57
CA GLN F 219 -5.43 14.34 -27.73
C GLN F 219 -4.65 15.55 -28.20
N THR F 220 -4.30 16.46 -27.28
CA THR F 220 -3.57 17.66 -27.67
C THR F 220 -2.14 17.31 -28.07
N ALA F 221 -1.63 18.03 -29.06
CA ALA F 221 -0.28 17.75 -29.56
C ALA F 221 0.76 17.99 -28.48
N ALA F 222 0.52 18.95 -27.58
CA ALA F 222 1.48 19.24 -26.52
C ALA F 222 1.66 18.05 -25.58
N GLN F 223 0.55 17.41 -25.20
CA GLN F 223 0.64 16.28 -24.27
C GLN F 223 1.38 15.10 -24.91
N ARG F 224 1.14 14.85 -26.20
CA ARG F 224 1.82 13.75 -26.87
C ARG F 224 3.32 13.97 -26.91
N THR F 225 3.75 15.20 -27.18
CA THR F 225 5.18 15.48 -27.25
C THR F 225 5.86 15.26 -25.91
N MET F 226 5.24 15.73 -24.82
CA MET F 226 5.86 15.56 -23.51
C MET F 226 5.92 14.09 -23.11
N VAL F 227 4.86 13.33 -23.39
CA VAL F 227 4.92 11.90 -23.12
C VAL F 227 5.96 11.23 -24.01
N ASP F 228 6.16 11.77 -25.21
CA ASP F 228 7.24 11.29 -26.06
C ASP F 228 8.61 11.51 -25.40
N GLN F 229 8.78 12.67 -24.77
CA GLN F 229 10.04 12.96 -24.08
C GLN F 229 10.26 12.00 -22.91
N VAL F 230 9.20 11.71 -22.15
CA VAL F 230 9.34 10.83 -21.00
C VAL F 230 9.76 9.43 -21.45
N ARG F 231 9.25 8.99 -22.61
CA ARG F 231 9.61 7.68 -23.13
C ARG F 231 11.09 7.62 -23.50
N GLU F 232 11.63 8.69 -24.08
CA GLU F 232 13.01 8.69 -24.55
C GLU F 232 14.02 8.57 -23.42
N SER F 233 13.64 8.80 -22.17
CA SER F 233 14.59 8.73 -21.06
C SER F 233 15.08 7.30 -20.87
N ARG F 234 16.40 7.10 -21.01
CA ARG F 234 16.96 5.76 -20.87
C ARG F 234 16.97 5.32 -19.41
N ASN F 235 17.21 6.25 -18.48
CA ASN F 235 17.21 5.98 -17.05
C ASN F 235 16.27 6.99 -16.39
N PRO F 236 14.96 6.79 -16.49
CA PRO F 236 14.03 7.75 -15.91
C PRO F 236 14.20 7.85 -14.40
N GLY F 237 13.99 9.05 -13.87
CA GLY F 237 14.12 9.29 -12.45
C GLY F 237 13.07 10.23 -11.90
N ASN F 238 13.48 11.11 -10.99
CA ASN F 238 12.54 12.03 -10.38
C ASN F 238 11.98 13.03 -11.39
N ALA F 239 12.80 13.46 -12.35
CA ALA F 239 12.31 14.40 -13.36
C ALA F 239 11.16 13.78 -14.15
N GLU F 240 11.33 12.54 -14.62
CA GLU F 240 10.25 11.86 -15.30
C GLU F 240 9.09 11.56 -14.36
N PHE F 241 9.37 11.46 -13.06
CA PHE F 241 8.30 11.39 -12.07
C PHE F 241 7.40 12.63 -12.16
N GLU F 242 8.02 13.81 -12.21
CA GLU F 242 7.27 15.06 -12.11
C GLU F 242 6.42 15.30 -13.35
N ASP F 243 6.98 15.10 -14.55
CA ASP F 243 6.24 15.41 -15.76
C ASP F 243 5.05 14.47 -15.93
N LEU F 244 5.19 13.22 -15.50
CA LEU F 244 4.04 12.32 -15.49
C LEU F 244 2.96 12.80 -14.54
N ILE F 245 3.35 13.32 -13.38
CA ILE F 245 2.36 13.90 -12.46
C ILE F 245 1.71 15.13 -13.09
N PHE F 246 2.51 15.97 -13.73
CA PHE F 246 1.96 17.13 -14.43
C PHE F 246 1.04 16.70 -15.57
N LEU F 247 1.43 15.67 -16.31
CA LEU F 247 0.57 15.16 -17.38
C LEU F 247 -0.74 14.64 -16.83
N ALA F 248 -0.71 13.97 -15.68
CA ALA F 248 -1.94 13.51 -15.04
C ALA F 248 -2.82 14.68 -14.65
N ARG F 249 -2.23 15.74 -14.09
CA ARG F 249 -3.02 16.90 -13.70
C ARG F 249 -3.62 17.60 -14.92
N SER F 250 -2.89 17.62 -16.04
CA SER F 250 -3.42 18.23 -17.24
C SER F 250 -4.60 17.44 -17.81
N ALA F 251 -4.67 16.14 -17.52
CA ALA F 251 -5.76 15.32 -18.04
C ALA F 251 -7.10 15.70 -17.43
N LEU F 252 -7.10 16.35 -16.27
CA LEU F 252 -8.36 16.80 -15.67
C LEU F 252 -9.02 17.89 -16.50
N ILE F 253 -8.24 18.67 -17.23
CA ILE F 253 -8.75 19.72 -18.11
C ILE F 253 -8.71 19.28 -19.56
N LEU F 254 -7.55 18.82 -20.03
CA LEU F 254 -7.39 18.27 -21.37
C LEU F 254 -7.50 16.75 -21.29
N ARG F 255 -8.73 16.27 -21.18
CA ARG F 255 -8.98 14.87 -20.91
C ARG F 255 -8.55 14.00 -22.09
N GLY F 256 -8.07 12.80 -21.79
CA GLY F 256 -7.69 11.85 -22.81
C GLY F 256 -8.85 11.06 -23.35
N SER F 257 -8.54 10.17 -24.28
CA SER F 257 -9.53 9.32 -24.93
C SER F 257 -9.49 7.95 -24.26
N VAL F 258 -10.50 7.64 -23.45
CA VAL F 258 -10.60 6.38 -22.74
C VAL F 258 -11.84 5.65 -23.25
N ALA F 259 -11.66 4.43 -23.72
CA ALA F 259 -12.79 3.66 -24.24
C ALA F 259 -13.70 3.21 -23.11
N HIS F 260 -15.00 3.31 -23.34
CA HIS F 260 -16.00 2.92 -22.36
C HIS F 260 -16.88 1.84 -22.96
N LYS F 261 -16.90 0.67 -22.33
CA LYS F 261 -17.67 -0.47 -22.80
C LYS F 261 -18.57 -0.98 -21.68
N SER F 262 -19.77 -1.41 -22.05
CA SER F 262 -20.76 -1.92 -21.10
C SER F 262 -20.59 -3.44 -21.00
N CYS F 263 -19.87 -3.87 -19.98
CA CYS F 263 -19.66 -5.29 -19.72
C CYS F 263 -20.63 -5.72 -18.62
N LEU F 264 -21.62 -6.52 -19.00
CA LEU F 264 -22.65 -6.95 -18.08
C LEU F 264 -22.22 -8.18 -17.30
N PRO F 265 -22.86 -8.46 -16.18
CA PRO F 265 -22.56 -9.69 -15.44
C PRO F 265 -22.96 -10.92 -16.24
N ALA F 266 -22.26 -12.03 -15.97
CA ALA F 266 -22.49 -13.25 -16.73
C ALA F 266 -23.89 -13.80 -16.54
N CYS F 267 -24.58 -13.43 -15.47
CA CYS F 267 -25.95 -13.91 -15.26
C CYS F 267 -26.86 -13.41 -16.36
N VAL F 268 -26.68 -12.16 -16.80
CA VAL F 268 -27.52 -11.60 -17.85
C VAL F 268 -27.31 -12.36 -19.16
N TYR F 269 -26.04 -12.66 -19.49
CA TYR F 269 -25.76 -13.42 -20.71
C TYR F 269 -26.32 -14.83 -20.62
N GLY F 270 -26.18 -15.48 -19.46
CA GLY F 270 -26.71 -16.81 -19.31
C GLY F 270 -28.22 -16.86 -19.48
N SER F 271 -28.93 -15.87 -18.92
CA SER F 271 -30.37 -15.80 -19.09
C SER F 271 -30.74 -15.60 -20.56
N ALA F 272 -30.02 -14.71 -21.25
CA ALA F 272 -30.34 -14.44 -22.65
C ALA F 272 -30.11 -15.66 -23.53
N VAL F 273 -28.99 -16.37 -23.32
CA VAL F 273 -28.70 -17.54 -24.14
C VAL F 273 -29.73 -18.64 -23.88
N ALA F 274 -30.15 -18.79 -22.62
CA ALA F 274 -31.19 -19.78 -22.32
C ALA F 274 -32.51 -19.42 -22.98
N SER F 275 -32.74 -18.14 -23.24
CA SER F 275 -33.94 -17.69 -23.93
C SER F 275 -33.90 -17.98 -25.42
N GLY F 276 -32.79 -18.50 -25.94
CA GLY F 276 -32.66 -18.80 -27.34
C GLY F 276 -32.00 -17.72 -28.17
N TYR F 277 -31.64 -16.59 -27.56
CA TYR F 277 -30.99 -15.52 -28.30
C TYR F 277 -29.67 -16.00 -28.88
N ASP F 278 -29.48 -15.75 -30.17
CA ASP F 278 -28.26 -16.12 -30.88
C ASP F 278 -27.49 -14.82 -31.13
N PHE F 279 -26.55 -14.52 -30.23
CA PHE F 279 -25.75 -13.31 -30.40
C PHE F 279 -24.90 -13.39 -31.66
N GLU F 280 -24.45 -14.60 -32.02
CA GLU F 280 -23.64 -14.75 -33.23
C GLU F 280 -24.45 -14.39 -34.48
N ARG F 281 -25.72 -14.79 -34.53
CA ARG F 281 -26.56 -14.45 -35.67
C ARG F 281 -26.97 -12.98 -35.64
N GLU F 282 -27.53 -12.54 -34.53
CA GLU F 282 -28.02 -11.16 -34.44
C GLU F 282 -26.90 -10.16 -34.21
N GLY F 283 -25.75 -10.59 -33.71
CA GLY F 283 -24.64 -9.70 -33.46
C GLY F 283 -24.78 -8.95 -32.15
N TYR F 284 -23.66 -8.38 -31.72
CA TYR F 284 -23.59 -7.66 -30.45
C TYR F 284 -22.61 -6.49 -30.59
N SER F 285 -22.68 -5.59 -29.61
CA SER F 285 -21.79 -4.44 -29.57
C SER F 285 -21.75 -3.86 -28.17
N LEU F 286 -20.55 -3.57 -27.67
CA LEU F 286 -20.40 -3.08 -26.31
C LEU F 286 -20.57 -1.56 -26.19
N VAL F 287 -20.78 -0.87 -27.31
CA VAL F 287 -20.94 0.58 -27.30
C VAL F 287 -22.28 1.02 -27.87
N GLY F 288 -23.09 0.09 -28.36
CA GLY F 288 -24.36 0.41 -28.98
C GLY F 288 -25.55 0.18 -28.08
N ILE F 289 -26.70 -0.11 -28.71
CA ILE F 289 -27.94 -0.33 -27.97
C ILE F 289 -28.05 -1.73 -27.41
N ASP F 290 -27.26 -2.68 -27.90
CA ASP F 290 -27.44 -4.07 -27.48
C ASP F 290 -27.31 -4.25 -25.97
N PRO F 291 -26.31 -3.70 -25.29
CA PRO F 291 -26.29 -3.83 -23.82
C PRO F 291 -27.52 -3.24 -23.16
N PHE F 292 -28.03 -2.12 -23.67
CA PHE F 292 -29.21 -1.49 -23.08
C PHE F 292 -30.45 -2.36 -23.28
N ARG F 293 -30.64 -2.89 -24.48
CA ARG F 293 -31.80 -3.71 -24.77
C ARG F 293 -31.76 -5.05 -24.04
N LEU F 294 -30.54 -5.56 -23.78
CA LEU F 294 -30.42 -6.78 -22.98
C LEU F 294 -30.79 -6.52 -21.52
N LEU F 295 -30.35 -5.38 -20.98
CA LEU F 295 -30.62 -5.08 -19.57
C LEU F 295 -32.09 -4.79 -19.33
N GLN F 296 -32.80 -4.24 -20.32
CA GLN F 296 -34.21 -3.93 -20.14
C GLN F 296 -35.03 -5.19 -19.92
N ASN F 297 -34.72 -6.26 -20.65
CA ASN F 297 -35.47 -7.50 -20.57
C ASN F 297 -34.89 -8.50 -19.58
N SER F 298 -33.85 -8.11 -18.85
CA SER F 298 -33.14 -9.03 -17.96
C SER F 298 -33.49 -8.71 -16.51
N GLN F 299 -33.72 -9.77 -15.74
CA GLN F 299 -34.05 -9.66 -14.33
C GLN F 299 -32.96 -10.34 -13.50
N VAL F 300 -32.40 -9.60 -12.55
CA VAL F 300 -31.28 -10.08 -11.75
C VAL F 300 -31.51 -9.68 -10.30
N TYR F 301 -31.12 -10.56 -9.39
CA TYR F 301 -31.31 -10.37 -7.96
C TYR F 301 -29.97 -10.18 -7.26
N SER F 302 -30.01 -9.58 -6.07
CA SER F 302 -28.82 -9.34 -5.29
C SER F 302 -29.13 -9.54 -3.81
N LEU F 303 -28.09 -9.83 -3.04
CA LEU F 303 -28.21 -9.96 -1.60
C LEU F 303 -28.06 -8.61 -0.94
N ILE F 304 -29.04 -8.23 -0.12
CA ILE F 304 -29.10 -6.91 0.49
C ILE F 304 -28.78 -7.05 1.97
N ARG F 305 -27.76 -6.32 2.42
CA ARG F 305 -27.44 -6.28 3.84
C ARG F 305 -28.51 -5.50 4.59
N PRO F 306 -28.71 -5.80 5.87
CA PRO F 306 -29.76 -5.12 6.62
C PRO F 306 -29.50 -3.62 6.67
N ASN F 307 -30.57 -2.84 6.60
CA ASN F 307 -30.50 -1.38 6.61
C ASN F 307 -29.72 -0.86 5.41
N GLU F 308 -30.20 -1.27 4.23
CA GLU F 308 -29.57 -0.89 2.97
C GLU F 308 -30.67 -0.67 1.94
N ASN F 309 -30.55 0.39 1.17
CA ASN F 309 -31.56 0.75 0.19
C ASN F 309 -31.36 -0.05 -1.08
N PRO F 310 -32.32 -0.87 -1.51
CA PRO F 310 -32.14 -1.61 -2.77
C PRO F 310 -31.95 -0.69 -3.97
N ALA F 311 -32.58 0.48 -3.98
CA ALA F 311 -32.43 1.38 -5.12
C ALA F 311 -30.98 1.85 -5.27
N HIS F 312 -30.32 2.14 -4.15
CA HIS F 312 -28.93 2.58 -4.23
C HIS F 312 -28.02 1.47 -4.72
N LYS F 313 -28.25 0.25 -4.26
CA LYS F 313 -27.47 -0.88 -4.77
C LYS F 313 -27.75 -1.12 -6.25
N SER F 314 -29.01 -0.98 -6.66
CA SER F 314 -29.33 -1.13 -8.08
C SER F 314 -28.67 -0.04 -8.91
N GLN F 315 -28.61 1.18 -8.38
CA GLN F 315 -27.92 2.26 -9.08
C GLN F 315 -26.43 1.96 -9.20
N LEU F 316 -25.83 1.39 -8.15
CA LEU F 316 -24.42 1.04 -8.20
C LEU F 316 -24.14 0.02 -9.29
N VAL F 317 -25.01 -0.99 -9.42
CA VAL F 317 -24.82 -1.99 -10.46
C VAL F 317 -25.07 -1.39 -11.84
N TRP F 318 -26.06 -0.50 -11.95
CA TRP F 318 -26.34 0.13 -13.23
C TRP F 318 -25.15 0.96 -13.71
N MET F 319 -24.52 1.70 -12.79
CA MET F 319 -23.36 2.51 -13.17
C MET F 319 -22.18 1.63 -13.55
N ALA F 320 -21.93 0.56 -12.79
CA ALA F 320 -20.84 -0.34 -13.12
C ALA F 320 -21.07 -1.03 -14.46
N CYS F 321 -22.33 -1.35 -14.77
CA CYS F 321 -22.64 -2.01 -16.04
C CYS F 321 -22.23 -1.15 -17.22
N HIS F 322 -22.51 0.15 -17.15
CA HIS F 322 -22.24 1.07 -18.24
C HIS F 322 -21.00 1.91 -18.02
N SER F 323 -20.23 1.62 -16.96
CA SER F 323 -18.98 2.32 -16.67
C SER F 323 -19.21 3.82 -16.55
N ALA F 324 -20.29 4.21 -15.86
CA ALA F 324 -20.62 5.60 -15.63
C ALA F 324 -20.19 6.06 -14.23
N ALA F 325 -19.15 5.45 -13.67
CA ALA F 325 -18.70 5.82 -12.33
C ALA F 325 -18.20 7.26 -12.29
N PHE F 326 -17.44 7.67 -13.31
CA PHE F 326 -16.84 9.00 -13.35
C PHE F 326 -17.59 9.95 -14.27
N GLU F 327 -18.77 9.57 -14.75
CA GLU F 327 -19.52 10.41 -15.67
C GLU F 327 -20.32 11.45 -14.90
N ASP F 328 -20.74 12.49 -15.61
CA ASP F 328 -21.55 13.53 -15.01
C ASP F 328 -22.85 12.95 -14.47
N LEU F 329 -23.19 13.32 -13.24
CA LEU F 329 -24.40 12.79 -12.61
C LEU F 329 -25.65 13.25 -13.34
N ARG F 330 -25.62 14.46 -13.93
CA ARG F 330 -26.78 14.96 -14.64
C ARG F 330 -27.06 14.13 -15.89
N VAL F 331 -26.02 13.79 -16.65
CA VAL F 331 -26.22 12.97 -17.84
C VAL F 331 -26.58 11.54 -17.44
N SER F 332 -25.96 11.02 -16.40
CA SER F 332 -26.32 9.69 -15.91
C SER F 332 -27.75 9.67 -15.39
N SER F 333 -28.16 10.70 -14.65
CA SER F 333 -29.53 10.78 -14.16
C SER F 333 -30.51 10.89 -15.32
N PHE F 334 -30.17 11.69 -16.33
CA PHE F 334 -31.07 11.89 -17.47
C PHE F 334 -31.28 10.58 -18.23
N ILE F 335 -30.22 9.80 -18.40
CA ILE F 335 -30.33 8.54 -19.14
C ILE F 335 -31.13 7.51 -18.35
N ARG F 336 -30.86 7.40 -17.04
CA ARG F 336 -31.53 6.38 -16.23
C ARG F 336 -32.98 6.75 -16.00
N GLY F 337 -33.29 8.02 -15.85
CA GLY F 337 -34.63 8.49 -15.57
C GLY F 337 -34.92 8.72 -14.10
N THR F 338 -34.13 8.11 -13.21
CA THR F 338 -34.22 8.35 -11.79
C THR F 338 -32.89 8.93 -11.33
N LYS F 339 -32.96 9.88 -10.39
CA LYS F 339 -31.78 10.62 -10.01
C LYS F 339 -30.68 9.69 -9.49
N VAL F 340 -29.47 9.89 -9.96
CA VAL F 340 -28.31 9.15 -9.49
C VAL F 340 -27.67 9.93 -8.35
N VAL F 341 -27.51 9.28 -7.21
CA VAL F 341 -26.99 9.92 -6.01
C VAL F 341 -25.47 9.76 -5.97
N PRO F 342 -24.74 10.74 -5.43
CA PRO F 342 -23.29 10.58 -5.30
C PRO F 342 -22.94 9.43 -4.36
N ARG F 343 -21.66 9.07 -4.37
CA ARG F 343 -21.20 7.94 -3.57
C ARG F 343 -21.41 8.19 -2.08
N GLY F 344 -21.12 9.40 -1.63
CA GLY F 344 -21.23 9.69 -0.20
C GLY F 344 -22.64 9.55 0.33
N LYS F 345 -23.65 9.67 -0.53
CA LYS F 345 -25.03 9.61 -0.13
C LYS F 345 -25.66 8.24 -0.39
N LEU F 346 -24.86 7.25 -0.77
CA LEU F 346 -25.35 5.91 -1.05
C LEU F 346 -25.37 5.11 0.26
N SER F 347 -26.55 4.63 0.64
CA SER F 347 -26.69 3.80 1.83
C SER F 347 -26.52 2.33 1.47
N THR F 348 -25.33 2.00 1.01
CA THR F 348 -25.01 0.62 0.62
C THR F 348 -23.52 0.42 0.69
N ARG F 349 -23.12 -0.83 0.91
CA ARG F 349 -21.73 -1.26 0.82
C ARG F 349 -21.53 -2.02 -0.48
N GLY F 350 -20.34 -2.60 -0.65
CA GLY F 350 -20.04 -3.30 -1.87
C GLY F 350 -20.98 -4.46 -2.13
N VAL F 351 -21.02 -4.88 -3.39
CA VAL F 351 -21.91 -5.98 -3.79
C VAL F 351 -21.43 -7.29 -3.17
N GLN F 352 -20.13 -7.51 -3.14
CA GLN F 352 -19.60 -8.77 -2.65
C GLN F 352 -19.74 -8.86 -1.13
N ILE F 353 -20.14 -10.03 -0.65
CA ILE F 353 -20.37 -10.27 0.77
C ILE F 353 -19.15 -10.99 1.34
N ALA F 354 -18.69 -10.51 2.50
CA ALA F 354 -17.48 -11.02 3.13
C ALA F 354 -17.79 -12.25 3.97
N SER F 355 -16.75 -13.03 4.27
CA SER F 355 -16.93 -14.22 5.08
C SER F 355 -17.41 -13.87 6.49
N ASN F 356 -16.90 -12.79 7.06
CA ASN F 356 -17.19 -12.45 8.46
C ASN F 356 -18.61 -11.92 8.63
N GLU F 357 -19.42 -11.96 7.57
CA GLU F 357 -20.76 -11.40 7.60
C GLU F 357 -21.76 -12.52 7.87
N ASN F 358 -22.65 -12.30 8.83
CA ASN F 358 -23.63 -13.32 9.20
C ASN F 358 -24.64 -13.48 8.07
N MET F 359 -24.54 -14.60 7.36
CA MET F 359 -25.39 -14.83 6.19
C MET F 359 -26.73 -15.37 6.64
N GLU F 360 -27.38 -14.67 7.58
CA GLU F 360 -28.68 -15.07 8.11
C GLU F 360 -29.68 -13.93 8.21
N THR F 361 -29.22 -12.68 8.33
CA THR F 361 -30.09 -11.53 8.29
C THR F 361 -30.12 -10.88 6.91
N MET F 362 -29.66 -11.59 5.88
CA MET F 362 -29.54 -11.04 4.54
C MET F 362 -30.74 -11.45 3.71
N GLU F 363 -31.38 -10.47 3.06
CA GLU F 363 -32.48 -10.74 2.15
C GLU F 363 -32.11 -10.28 0.75
N SER F 364 -32.84 -10.79 -0.22
CA SER F 364 -32.57 -10.54 -1.64
C SER F 364 -33.60 -9.58 -2.21
N SER F 365 -33.15 -8.77 -3.17
CA SER F 365 -34.02 -7.80 -3.84
C SER F 365 -33.74 -7.83 -5.34
N THR F 366 -34.74 -7.45 -6.12
CA THR F 366 -34.58 -7.34 -7.56
C THR F 366 -33.86 -6.05 -7.92
N LEU F 367 -32.86 -6.15 -8.80
CA LEU F 367 -32.10 -4.99 -9.23
C LEU F 367 -32.81 -4.30 -10.40
N GLU F 368 -32.99 -2.98 -10.29
CA GLU F 368 -33.62 -2.19 -11.34
C GLU F 368 -32.53 -1.64 -12.25
N LEU F 369 -32.15 -2.45 -13.24
CA LEU F 369 -31.09 -2.11 -14.17
C LEU F 369 -31.66 -1.62 -15.51
N ARG F 370 -32.79 -0.93 -15.45
CA ARG F 370 -33.47 -0.46 -16.65
C ARG F 370 -33.34 1.05 -16.75
N SER F 371 -33.04 1.54 -17.95
CA SER F 371 -32.82 2.94 -18.21
C SER F 371 -33.92 3.49 -19.10
N ARG F 372 -34.34 4.72 -18.82
CA ARG F 372 -35.36 5.35 -19.66
C ARG F 372 -34.83 5.67 -21.05
N TYR F 373 -33.56 6.05 -21.14
CA TYR F 373 -32.91 6.39 -22.40
C TYR F 373 -31.67 5.52 -22.60
N TRP F 374 -31.07 5.64 -23.77
CA TRP F 374 -29.83 4.93 -24.07
C TRP F 374 -28.94 5.82 -24.92
N ALA F 375 -27.63 5.77 -24.65
CA ALA F 375 -26.67 6.58 -25.35
C ALA F 375 -25.52 5.70 -25.81
N ILE F 376 -24.71 6.24 -26.72
CA ILE F 376 -23.57 5.52 -27.27
C ILE F 376 -22.32 5.84 -26.47
N ARG F 377 -21.63 4.80 -26.01
CA ARG F 377 -20.41 5.00 -25.24
C ARG F 377 -19.30 5.55 -26.13
N THR F 378 -18.48 6.41 -25.54
CA THR F 378 -17.48 7.17 -26.28
C THR F 378 -16.08 6.76 -25.86
N ARG F 379 -15.17 6.75 -26.82
CA ARG F 379 -13.74 6.58 -26.57
C ARG F 379 -12.99 7.90 -26.60
N SER F 380 -13.70 9.02 -26.64
CA SER F 380 -13.12 10.33 -26.78
C SER F 380 -13.35 11.18 -25.54
N GLY F 381 -12.56 12.24 -25.41
CA GLY F 381 -12.77 13.21 -24.37
C GLY F 381 -13.74 14.28 -24.81
N GLY F 382 -13.36 15.55 -24.66
CA GLY F 382 -14.20 16.64 -25.10
C GLY F 382 -13.60 17.39 -26.26
N ASN F 383 -13.02 18.55 -25.98
CA ASN F 383 -12.29 19.31 -27.00
C ASN F 383 -10.92 19.72 -26.47
N MET F 428 5.32 21.82 -24.94
CA MET F 428 6.04 21.34 -23.76
C MET F 428 5.20 21.45 -22.49
N ARG F 429 5.56 22.35 -21.60
CA ARG F 429 4.86 22.48 -20.32
C ARG F 429 4.19 23.84 -20.15
N THR F 430 4.82 24.92 -20.59
CA THR F 430 4.16 26.22 -20.54
C THR F 430 2.99 26.28 -21.51
N GLU F 431 3.12 25.66 -22.68
CA GLU F 431 2.01 25.60 -23.62
C GLU F 431 0.85 24.79 -23.05
N ILE F 432 1.16 23.72 -22.32
CA ILE F 432 0.10 22.91 -21.70
C ILE F 432 -0.67 23.74 -20.68
N ILE F 433 0.03 24.51 -19.86
CA ILE F 433 -0.64 25.35 -18.86
C ILE F 433 -1.45 26.44 -19.56
N ARG F 434 -0.95 26.95 -20.68
CA ARG F 434 -1.71 27.93 -21.44
C ARG F 434 -3.01 27.35 -21.98
N LEU F 435 -2.97 26.11 -22.46
CA LEU F 435 -4.17 25.51 -23.04
C LEU F 435 -5.28 25.35 -22.02
N MET F 436 -4.94 24.92 -20.80
CA MET F 436 -5.99 24.69 -19.80
C MET F 436 -6.45 25.99 -19.16
N GLU F 437 -5.66 27.06 -19.24
CA GLU F 437 -6.17 28.36 -18.84
C GLU F 437 -7.25 28.87 -19.77
N SER F 438 -7.08 28.67 -21.08
CA SER F 438 -8.15 29.03 -22.01
C SER F 438 -9.37 28.15 -21.80
N ALA F 439 -9.17 26.93 -21.33
CA ALA F 439 -10.29 26.02 -21.11
C ALA F 439 -11.17 26.52 -19.96
N ARG F 440 -12.47 26.46 -20.18
CA ARG F 440 -13.48 26.85 -19.20
C ARG F 440 -14.42 25.68 -18.97
N PRO F 441 -14.97 25.55 -17.76
CA PRO F 441 -15.96 24.50 -17.48
C PRO F 441 -17.35 24.87 -17.98
N GLU F 442 -17.42 25.41 -19.19
CA GLU F 442 -18.68 25.67 -19.86
C GLU F 442 -18.65 25.38 -21.34
N ASP F 443 -17.49 25.09 -21.93
CA ASP F 443 -17.43 24.72 -23.33
C ASP F 443 -18.32 23.50 -23.57
N VAL F 444 -19.14 23.57 -24.61
CA VAL F 444 -20.03 22.48 -24.96
C VAL F 444 -19.24 21.45 -25.76
N SER F 445 -19.36 20.19 -25.35
CA SER F 445 -18.73 19.08 -26.05
C SER F 445 -19.81 18.21 -26.70
N PHE F 446 -19.38 17.41 -27.66
CA PHE F 446 -20.29 16.51 -28.39
C PHE F 446 -21.46 17.28 -28.97
N GLN F 447 -21.15 18.37 -29.67
CA GLN F 447 -22.20 19.23 -30.20
C GLN F 447 -23.13 18.45 -31.13
N GLY F 448 -24.43 18.57 -30.87
CA GLY F 448 -25.44 17.92 -31.69
C GLY F 448 -25.64 16.45 -31.41
N ARG F 449 -24.90 15.88 -30.48
CA ARG F 449 -24.99 14.46 -30.15
C ARG F 449 -25.76 14.31 -28.85
N GLY F 450 -26.82 13.50 -28.88
CA GLY F 450 -27.70 13.39 -27.75
C GLY F 450 -28.00 11.98 -27.30
N VAL F 451 -29.22 11.76 -26.81
CA VAL F 451 -29.64 10.51 -26.22
C VAL F 451 -30.91 10.06 -26.94
N PHE F 452 -31.00 8.76 -27.23
CA PHE F 452 -32.08 8.20 -28.01
C PHE F 452 -33.04 7.42 -27.11
N GLU F 453 -34.12 6.93 -27.72
CA GLU F 453 -35.13 6.14 -27.04
C GLU F 453 -34.83 4.66 -27.22
N LEU F 454 -35.29 3.86 -26.27
CA LEU F 454 -35.10 2.41 -26.38
C LEU F 454 -35.77 1.85 -27.62
N SER F 455 -36.85 2.49 -28.07
CA SER F 455 -37.54 2.07 -29.28
C SER F 455 -36.83 2.48 -30.56
N ASP F 456 -35.87 3.41 -30.47
CA ASP F 456 -35.14 3.92 -31.63
C ASP F 456 -33.85 3.13 -31.73
N GLU F 457 -33.92 1.96 -32.35
CA GLU F 457 -32.79 1.05 -32.40
C GLU F 457 -31.71 1.48 -33.38
N LYS F 458 -32.03 2.37 -34.31
CA LYS F 458 -31.06 2.87 -35.28
C LYS F 458 -30.42 4.18 -34.86
N ALA F 459 -30.80 4.73 -33.72
CA ALA F 459 -30.26 6.00 -33.24
C ALA F 459 -30.49 7.11 -34.26
N THR F 460 -31.72 7.25 -34.73
CA THR F 460 -32.05 8.22 -35.77
C THR F 460 -32.29 9.61 -35.20
N SER F 461 -33.15 9.72 -34.19
CA SER F 461 -33.52 11.03 -33.66
C SER F 461 -32.91 11.24 -32.28
N PRO F 462 -31.82 12.01 -32.17
CA PRO F 462 -31.25 12.27 -30.85
C PRO F 462 -32.13 13.17 -30.01
N ILE F 463 -32.03 12.99 -28.70
CA ILE F 463 -32.75 13.82 -27.72
C ILE F 463 -31.68 14.55 -26.93
N VAL F 464 -31.43 15.81 -27.29
CA VAL F 464 -30.42 16.63 -26.62
C VAL F 464 -30.93 17.07 -25.26
N PRO F 465 -30.18 16.83 -24.19
CA PRO F 465 -30.63 17.25 -22.86
C PRO F 465 -30.33 18.71 -22.59
N SER F 466 -31.15 19.30 -21.73
CA SER F 466 -30.94 20.65 -21.23
C SER F 466 -30.85 20.59 -19.71
N PHE F 467 -29.79 21.14 -19.16
CA PHE F 467 -29.55 21.07 -17.72
C PHE F 467 -29.81 22.43 -17.06
N GLU F 472 -27.89 19.65 -7.53
CA GLU F 472 -27.40 20.02 -8.88
C GLU F 472 -25.95 19.55 -9.05
N GLY F 473 -25.46 18.72 -8.12
CA GLY F 473 -24.09 18.24 -8.21
C GLY F 473 -23.86 17.37 -9.43
N SER F 474 -22.58 17.18 -9.75
CA SER F 474 -22.21 16.38 -10.91
C SER F 474 -21.04 15.43 -10.66
N TYR F 475 -20.56 15.32 -9.42
CA TYR F 475 -19.37 14.54 -9.12
C TYR F 475 -19.78 13.36 -8.23
N PHE F 476 -19.53 12.15 -8.71
CA PHE F 476 -19.89 10.96 -7.94
C PHE F 476 -19.04 10.84 -6.68
N PHE F 477 -17.73 10.97 -6.84
CA PHE F 477 -16.78 10.91 -5.73
C PHE F 477 -16.43 12.29 -5.21
N GLY F 478 -17.43 13.06 -4.79
CA GLY F 478 -17.20 14.42 -4.32
C GLY F 478 -18.10 14.82 -3.17
C1 A1IJK G . 7.27 -18.28 -19.72
C2 A1IJK G . 8.02 -19.53 -19.36
C3 A1IJK G . 7.13 -20.75 -19.30
C6 A1IJK G . 5.73 -22.13 -20.67
C7 A1IJK G . 5.07 -22.20 -22.03
O4 A1IJK G . 6.48 -20.92 -20.56
O5 A1IJK G . 8.63 -19.34 -18.08
C8 A1IJK G . 4.58 -23.58 -22.43
C10 A1IJK G . 2.29 -23.25 -21.62
N9 A1IJK G . 3.40 -23.99 -21.67
C33 A1IJK G . -2.22 -24.06 -16.39
C34 A1IJK G . -1.97 -24.00 -17.73
C11 A1IJK G . 1.00 -23.97 -21.35
C12 A1IJK G . 0.85 -25.33 -21.60
C13 A1IJK G . -0.35 -25.96 -21.32
C14 A1IJK G . -1.43 -25.26 -20.80
C15 A1IJK G . -1.28 -23.88 -20.55
C16 A1IJK G . -0.07 -23.26 -20.82
C17 A1IJK G . -2.71 -26.01 -20.52
C20 A1IJK G . -2.38 -23.04 -19.96
C21 A1IJK G . -3.14 -22.10 -20.76
C22 A1IJK G . -4.05 -21.22 -20.11
C24 A1IJK G . -3.62 -22.24 -17.99
C25 A1IJK G . -2.66 -23.10 -18.54
C27 A1IJK G . -4.69 -20.23 -20.84
C28 A1IJK G . -4.46 -20.11 -22.26
C29 A1IJK G . -3.63 -21.09 -22.90
C30 A1IJK G . -3.00 -22.06 -22.14
C31 A1IJK G . -3.88 -22.32 -16.62
C32 A1IJK G . -3.15 -23.23 -15.80
O18 A1IJK G . -3.70 -25.38 -20.11
O19 A1IJK G . -2.69 -27.24 -20.72
O23 A1IJK G . -4.30 -21.33 -18.76
O26 A1IJK G . 2.30 -22.05 -21.85
O35 A1IJK G . -4.97 -19.19 -22.91
O36 A1IJK G . -3.37 -23.28 -14.57
C1 A1IJK H . 36.82 3.26 -1.55
C2 A1IJK H . 37.18 1.84 -1.90
C3 A1IJK H . 36.06 0.87 -1.64
C6 A1IJK H . 35.40 -1.39 -1.93
C7 A1IJK H . 35.83 -2.71 -2.52
O4 A1IJK H . 36.45 -0.44 -2.06
O5 A1IJK H . 38.33 1.46 -1.13
C8 A1IJK H . 36.90 -3.44 -1.73
C10 A1IJK H . 36.68 -5.81 -1.26
N9 A1IJK H . 36.34 -4.56 -0.97
C33 A1IJK H . 36.67 -6.65 5.60
C34 A1IJK H . 36.15 -6.91 4.36
C11 A1IJK H . 36.28 -6.87 -0.28
C12 A1IJK H . 36.74 -8.17 -0.46
C13 A1IJK H . 36.39 -9.16 0.44
C14 A1IJK H . 35.57 -8.90 1.53
C15 A1IJK H . 35.10 -7.59 1.71
C16 A1IJK H . 35.46 -6.59 0.81
C17 A1IJK H . 35.22 -10.04 2.46
C20 A1IJK H . 34.21 -7.22 2.86
C21 A1IJK H . 32.76 -7.12 2.70
C22 A1IJK H . 31.97 -6.77 3.83
C24 A1IJK H . 33.90 -6.63 5.24
C25 A1IJK H . 34.77 -6.92 4.17
C27 A1IJK H . 30.61 -6.61 3.68
C28 A1IJK H . 29.98 -6.78 2.39
C29 A1IJK H . 30.80 -7.19 1.29
C30 A1IJK H . 32.17 -7.36 1.47
C31 A1IJK H . 34.45 -6.39 6.50
C32 A1IJK H . 35.87 -6.42 6.69
O18 A1IJK H . 34.38 -9.84 3.34
O19 A1IJK H . 35.82 -11.11 2.29
O23 A1IJK H . 32.54 -6.57 5.07
O26 A1IJK H . 37.32 -6.10 -2.27
O35 A1IJK H . 28.77 -6.59 2.23
O36 A1IJK H . 36.36 -6.25 7.81
#